data_7WSF
#
_entry.id   7WSF
#
_cell.length_a   1.00
_cell.length_b   1.00
_cell.length_c   1.00
_cell.angle_alpha   90.00
_cell.angle_beta   90.00
_cell.angle_gamma   90.00
#
_symmetry.space_group_name_H-M   'P 1'
#
loop_
_entity.id
_entity.type
_entity.pdbx_description
1 polymer 'Angiotensin-converting enzyme'
2 polymer 'Spike protein S1'
3 non-polymer 'ZINC ION'
#
loop_
_entity_poly.entity_id
_entity_poly.type
_entity_poly.pdbx_seq_one_letter_code
_entity_poly.pdbx_strand_id
1 'polypeptide(L)'
;MSGSFWLLLSLVAVTAAQSTTEEQAKTFLQKFDHEAEDLSYRSSLASWNYNTNITDENVQKMNAARAKWSAFYEEQSRIA
KTYPLEEIQNLTLKRQLQALQQSGTSVLSADKSKRLNTILNTMSTIYSSGKVLDPNTQEYLVLEPGLDDIMENSEDYNRR
LWAWEGWRAEVGKQLRPFYEEYVVLENEMARANNYEDYGDYWRGDYEVTGADGYDYSRNQLIADVERTFAEIKPLYEQLH
AYVRAKLMDAYPSRISPTGCLPAHLLGDMWGRFWTNLYPLTVPFGEKPSIDVTKEMQNQSWDAKRIFKEAEKFFVSIGLP
NMTQEFWVNSMLTEPGDGRKVVCHPTAWDLGKGDFRIKMCTKVTMDDFLTAHHEMGHIQYDMAYATQPFLLRNGANEGFH
EAVGEIMSLSAATPHYLKALGLLPPDFYEDNVTEINFLLKQALQIVGTLPFTYMLEKWRWMVFKGEIPKEQWMQKWWEMK
REIVGVVEPLPHDETYCDPACLFHVAEDYSFIRYYTRTIYQFQFHEALCQTAKHEGPLYKCDISNSTEAGQRLLQMLHLG
KSEPWTLALENIVGVKTMDVKPLLNYFEPLLTWLKEQNRNSPVGWSTDWTPYSDQSIKVRISLKSALGEKAYEWNDNEMY
LFQSSVAYAMREYFSKVRNETIPFGEKDVWVSDLKPRISFNFFVTTPKNVSDIIPRTEVEEAIRMSRGRINDAFRLDDNS
LEFLGIQPTLGPPYEPPVT
;
A
2 'polypeptide(L)'
;NLCPFGEVFNATKFPSVYAWERKKISNCVADYSVLYNSTFFSTFKCYGVSATKLNDLCFSNVYADSFVVKGDDVRQIAPG
QTGVIADYNYKLPDDFMGCVLAWNTRNIDATSTGNYNYKYRYLRHGKLRPFERDISNVPFSPDGKPCTPPALNCYWPLND
YGFYTTTGIGYQPYRVVVLSFEGSLEVLFQ
;
B
#
loop_
_chem_comp.id
_chem_comp.type
_chem_comp.name
_chem_comp.formula
ZN non-polymer 'ZINC ION' 'Zn 2'
#
# COMPACT_ATOMS: atom_id res chain seq x y z
N SER A 19 -38.61 3.06 -14.49
CA SER A 19 -37.35 3.62 -14.01
C SER A 19 -36.24 3.47 -15.04
N THR A 20 -35.38 4.47 -15.13
CA THR A 20 -34.27 4.44 -16.06
C THR A 20 -33.13 3.58 -15.51
N THR A 21 -32.11 3.37 -16.35
CA THR A 21 -30.97 2.55 -15.96
C THR A 21 -30.16 3.18 -14.83
N GLU A 22 -30.18 4.51 -14.71
CA GLU A 22 -29.48 5.14 -13.60
C GLU A 22 -30.21 4.91 -12.28
N GLU A 23 -31.55 4.91 -12.32
CA GLU A 23 -32.33 4.61 -11.12
C GLU A 23 -32.16 3.15 -10.73
N GLN A 24 -32.08 2.25 -11.71
CA GLN A 24 -31.89 0.84 -11.41
C GLN A 24 -30.47 0.55 -10.91
N ALA A 25 -29.48 1.29 -11.42
CA ALA A 25 -28.13 1.15 -10.90
C ALA A 25 -27.99 1.82 -9.55
N LYS A 26 -28.81 2.84 -9.28
CA LYS A 26 -28.76 3.51 -7.99
C LYS A 26 -29.21 2.59 -6.86
N THR A 27 -30.29 1.84 -7.08
CA THR A 27 -30.77 0.92 -6.05
C THR A 27 -29.88 -0.31 -5.95
N PHE A 28 -29.23 -0.71 -7.04
CA PHE A 28 -28.27 -1.81 -6.98
C PHE A 28 -27.09 -1.45 -6.11
N LEU A 29 -26.64 -0.20 -6.18
CA LEU A 29 -25.55 0.25 -5.32
C LEU A 29 -25.96 0.30 -3.86
N GLN A 30 -27.23 0.63 -3.58
CA GLN A 30 -27.70 0.60 -2.21
C GLN A 30 -27.69 -0.81 -1.65
N LYS A 31 -28.10 -1.79 -2.45
CA LYS A 31 -28.01 -3.18 -2.00
C LYS A 31 -26.56 -3.61 -1.84
N PHE A 32 -25.69 -3.23 -2.77
CA PHE A 32 -24.30 -3.62 -2.67
C PHE A 32 -23.63 -2.99 -1.45
N ASP A 33 -23.86 -1.68 -1.24
CA ASP A 33 -23.16 -0.97 -0.17
C ASP A 33 -23.46 -1.57 1.19
N HIS A 34 -24.72 -1.97 1.42
CA HIS A 34 -25.07 -2.59 2.70
C HIS A 34 -24.43 -3.97 2.83
N GLU A 35 -24.54 -4.79 1.79
CA GLU A 35 -24.01 -6.15 1.87
C GLU A 35 -22.49 -6.17 1.79
N ALA A 36 -21.90 -5.25 1.03
CA ALA A 36 -20.44 -5.15 0.99
C ALA A 36 -19.89 -4.71 2.35
N GLU A 37 -20.60 -3.82 3.04
CA GLU A 37 -20.10 -3.30 4.31
C GLU A 37 -19.93 -4.40 5.34
N ASP A 38 -20.91 -5.31 5.42
CA ASP A 38 -20.82 -6.38 6.42
C ASP A 38 -19.77 -7.40 6.05
N LEU A 39 -19.73 -7.82 4.77
CA LEU A 39 -18.75 -8.80 4.35
C LEU A 39 -17.34 -8.25 4.39
N SER A 40 -17.17 -6.98 4.01
CA SER A 40 -15.85 -6.35 4.15
C SER A 40 -15.43 -6.25 5.60
N TYR A 41 -16.37 -5.88 6.48
CA TYR A 41 -16.04 -5.78 7.90
C TYR A 41 -15.70 -7.14 8.49
N ARG A 42 -16.47 -8.17 8.11
CA ARG A 42 -16.17 -9.51 8.60
C ARG A 42 -14.83 -10.01 8.09
N SER A 43 -14.51 -9.71 6.84
CA SER A 43 -13.21 -10.11 6.30
C SER A 43 -12.07 -9.40 7.01
N SER A 44 -12.22 -8.10 7.27
CA SER A 44 -11.17 -7.36 7.97
C SER A 44 -11.12 -7.74 9.44
N LEU A 45 -12.27 -8.02 10.05
CA LEU A 45 -12.28 -8.45 11.45
C LEU A 45 -11.61 -9.81 11.61
N ALA A 46 -11.83 -10.71 10.66
CA ALA A 46 -11.16 -12.01 10.70
C ALA A 46 -9.66 -11.87 10.45
N SER A 47 -9.26 -10.95 9.57
CA SER A 47 -7.84 -10.75 9.31
C SER A 47 -7.12 -10.20 10.54
N TRP A 48 -7.78 -9.31 11.29
CA TRP A 48 -7.14 -8.74 12.47
C TRP A 48 -6.85 -9.79 13.53
N ASN A 49 -7.79 -10.71 13.74
CA ASN A 49 -7.60 -11.73 14.77
C ASN A 49 -6.42 -12.64 14.43
N TYR A 50 -6.23 -12.95 13.14
CA TYR A 50 -5.07 -13.75 12.76
C TYR A 50 -3.78 -12.98 13.01
N ASN A 51 -3.72 -11.71 12.60
CA ASN A 51 -2.50 -10.92 12.76
C ASN A 51 -2.18 -10.70 14.23
N THR A 52 -3.20 -10.51 15.06
CA THR A 52 -2.98 -10.33 16.49
C THR A 52 -2.87 -11.64 17.25
N ASN A 53 -3.18 -12.77 16.61
CA ASN A 53 -3.02 -14.08 17.24
C ASN A 53 -2.85 -15.10 16.13
N ILE A 54 -1.61 -15.47 15.84
CA ILE A 54 -1.32 -16.38 14.74
C ILE A 54 -1.44 -17.81 15.23
N THR A 55 -2.34 -18.57 14.62
CA THR A 55 -2.52 -19.99 14.92
C THR A 55 -3.00 -20.68 13.66
N ASP A 56 -3.52 -21.90 13.82
CA ASP A 56 -4.07 -22.63 12.69
C ASP A 56 -5.56 -22.40 12.52
N GLU A 57 -6.28 -22.18 13.62
CA GLU A 57 -7.71 -21.91 13.54
C GLU A 57 -7.98 -20.55 12.89
N ASN A 58 -7.18 -19.54 13.23
CA ASN A 58 -7.43 -18.20 12.72
C ASN A 58 -7.16 -18.09 11.23
N VAL A 59 -6.25 -18.90 10.70
CA VAL A 59 -6.02 -18.90 9.25
C VAL A 59 -7.25 -19.37 8.51
N GLN A 60 -7.92 -20.40 9.04
CA GLN A 60 -9.14 -20.90 8.41
C GLN A 60 -10.24 -19.85 8.41
N LYS A 61 -10.44 -19.16 9.53
CA LYS A 61 -11.45 -18.12 9.60
C LYS A 61 -11.07 -16.92 8.75
N MET A 62 -9.79 -16.58 8.70
CA MET A 62 -9.35 -15.44 7.88
C MET A 62 -9.59 -15.70 6.40
N ASN A 63 -9.25 -16.91 5.94
CA ASN A 63 -9.42 -17.22 4.52
C ASN A 63 -10.89 -17.44 4.17
N ALA A 64 -11.67 -18.02 5.08
CA ALA A 64 -13.09 -18.23 4.81
C ALA A 64 -13.82 -16.91 4.68
N ALA A 65 -13.54 -15.95 5.57
CA ALA A 65 -14.16 -14.64 5.49
C ALA A 65 -13.68 -13.88 4.25
N ARG A 66 -12.39 -14.02 3.93
CA ARG A 66 -11.87 -13.38 2.71
C ARG A 66 -12.51 -13.97 1.46
N ALA A 67 -12.75 -15.28 1.46
CA ALA A 67 -13.37 -15.92 0.30
C ALA A 67 -14.80 -15.43 0.10
N LYS A 68 -15.55 -15.25 1.18
CA LYS A 68 -16.91 -14.76 1.05
C LYS A 68 -16.95 -13.37 0.46
N TRP A 69 -16.06 -12.49 0.92
CA TRP A 69 -16.00 -11.13 0.38
C TRP A 69 -15.55 -11.13 -1.07
N SER A 70 -14.56 -11.96 -1.41
CA SER A 70 -14.11 -12.05 -2.79
C SER A 70 -15.18 -12.61 -3.70
N ALA A 71 -15.85 -13.69 -3.26
CA ALA A 71 -16.89 -14.30 -4.09
C ALA A 71 -18.06 -13.34 -4.28
N PHE A 72 -18.47 -12.63 -3.22
CA PHE A 72 -19.54 -11.67 -3.35
C PHE A 72 -19.18 -10.52 -4.27
N TYR A 73 -17.95 -10.00 -4.13
CA TYR A 73 -17.52 -8.89 -4.97
C TYR A 73 -17.45 -9.30 -6.43
N GLU A 74 -16.95 -10.51 -6.71
CA GLU A 74 -16.86 -10.97 -8.08
C GLU A 74 -18.24 -11.23 -8.67
N GLU A 75 -19.14 -11.86 -7.90
CA GLU A 75 -20.50 -12.08 -8.38
C GLU A 75 -21.25 -10.77 -8.57
N GLN A 76 -21.04 -9.81 -7.66
CA GLN A 76 -21.70 -8.52 -7.80
C GLN A 76 -21.06 -7.65 -8.88
N SER A 77 -19.82 -7.97 -9.29
CA SER A 77 -19.16 -7.16 -10.30
C SER A 77 -19.80 -7.34 -11.66
N ARG A 78 -20.19 -8.57 -12.01
CA ARG A 78 -20.85 -8.79 -13.31
C ARG A 78 -22.25 -8.20 -13.33
N ILE A 79 -22.94 -8.18 -12.19
CA ILE A 79 -24.25 -7.56 -12.13
C ILE A 79 -24.14 -6.06 -12.35
N ALA A 80 -23.04 -5.46 -11.93
CA ALA A 80 -22.84 -4.03 -12.17
C ALA A 80 -22.64 -3.73 -13.65
N LYS A 81 -22.01 -4.65 -14.39
CA LYS A 81 -21.82 -4.47 -15.82
C LYS A 81 -23.12 -4.57 -16.60
N THR A 82 -24.19 -5.05 -15.98
CA THR A 82 -25.51 -5.04 -16.62
C THR A 82 -26.00 -3.61 -16.86
N TYR A 83 -25.51 -2.65 -16.09
CA TYR A 83 -25.91 -1.26 -16.25
C TYR A 83 -24.80 -0.52 -16.99
N PRO A 84 -24.99 -0.13 -18.24
CA PRO A 84 -23.93 0.59 -18.97
C PRO A 84 -23.64 1.94 -18.32
N LEU A 85 -22.36 2.34 -18.36
CA LEU A 85 -21.95 3.58 -17.73
C LEU A 85 -22.48 4.80 -18.48
N GLU A 86 -22.61 4.71 -19.79
CA GLU A 86 -23.06 5.86 -20.57
C GLU A 86 -24.47 6.29 -20.21
N GLU A 87 -25.31 5.35 -19.77
CA GLU A 87 -26.68 5.70 -19.39
C GLU A 87 -26.71 6.50 -18.10
N ILE A 88 -25.71 6.35 -17.24
CA ILE A 88 -25.73 6.98 -15.92
C ILE A 88 -25.26 8.42 -16.07
N GLN A 89 -26.19 9.37 -15.88
CA GLN A 89 -25.85 10.79 -15.99
C GLN A 89 -25.07 11.26 -14.77
N ASN A 90 -25.46 10.84 -13.58
CA ASN A 90 -24.82 11.30 -12.36
C ASN A 90 -23.38 10.80 -12.28
N LEU A 91 -22.48 11.72 -11.91
CA LEU A 91 -21.06 11.38 -11.84
C LEU A 91 -20.72 10.56 -10.61
N THR A 92 -21.43 10.78 -9.49
CA THR A 92 -21.15 10.01 -8.28
C THR A 92 -21.47 8.53 -8.48
N LEU A 93 -22.61 8.22 -9.07
CA LEU A 93 -22.95 6.83 -9.38
C LEU A 93 -22.02 6.26 -10.43
N LYS A 94 -21.63 7.09 -11.41
CA LYS A 94 -20.77 6.61 -12.48
C LYS A 94 -19.41 6.19 -11.95
N ARG A 95 -18.86 6.93 -10.97
CA ARG A 95 -17.60 6.53 -10.37
C ARG A 95 -17.72 5.22 -9.63
N GLN A 96 -18.84 4.99 -8.94
CA GLN A 96 -18.99 3.78 -8.15
C GLN A 96 -19.14 2.55 -9.02
N LEU A 97 -19.98 2.62 -10.06
CA LEU A 97 -20.10 1.48 -10.97
C LEU A 97 -18.80 1.23 -11.71
N GLN A 98 -18.12 2.28 -12.14
CA GLN A 98 -16.84 2.12 -12.82
C GLN A 98 -15.83 1.41 -11.94
N ALA A 99 -15.83 1.72 -10.64
CA ALA A 99 -14.97 1.01 -9.71
C ALA A 99 -15.42 -0.43 -9.52
N LEU A 100 -16.71 -0.71 -9.66
CA LEU A 100 -17.25 -2.04 -9.45
C LEU A 100 -17.29 -2.86 -10.73
N GLN A 101 -17.38 -2.22 -11.90
CA GLN A 101 -17.48 -2.95 -13.15
C GLN A 101 -16.15 -3.53 -13.63
N GLN A 102 -15.04 -3.20 -12.97
CA GLN A 102 -13.76 -3.78 -13.34
C GLN A 102 -13.74 -5.27 -13.07
N SER A 103 -13.35 -6.06 -14.07
CA SER A 103 -13.41 -7.51 -14.00
C SER A 103 -12.05 -8.16 -13.74
N GLY A 104 -11.03 -7.76 -14.51
CA GLY A 104 -9.71 -8.37 -14.33
C GLY A 104 -9.65 -9.73 -14.97
N THR A 105 -9.28 -10.74 -14.17
CA THR A 105 -9.11 -12.10 -14.68
C THR A 105 -10.43 -12.82 -14.92
N SER A 106 -11.57 -12.16 -14.72
CA SER A 106 -12.85 -12.83 -14.93
C SER A 106 -13.06 -13.18 -16.39
N VAL A 107 -12.56 -12.34 -17.30
CA VAL A 107 -12.80 -12.56 -18.73
C VAL A 107 -12.11 -13.82 -19.22
N LEU A 108 -11.05 -14.25 -18.55
CA LEU A 108 -10.34 -15.45 -18.96
C LEU A 108 -11.20 -16.68 -18.80
N SER A 109 -10.96 -17.68 -19.65
CA SER A 109 -11.69 -18.93 -19.58
C SER A 109 -11.27 -19.71 -18.34
N ALA A 110 -12.04 -20.77 -18.04
CA ALA A 110 -11.77 -21.57 -16.85
C ALA A 110 -10.39 -22.22 -16.93
N ASP A 111 -10.01 -22.71 -18.11
CA ASP A 111 -8.69 -23.31 -18.27
C ASP A 111 -7.58 -22.28 -18.05
N LYS A 112 -7.73 -21.09 -18.62
CA LYS A 112 -6.69 -20.07 -18.51
C LYS A 112 -6.68 -19.41 -17.13
N SER A 113 -7.86 -19.19 -16.55
CA SER A 113 -7.92 -18.55 -15.24
C SER A 113 -7.44 -19.47 -14.13
N LYS A 114 -7.40 -20.78 -14.37
CA LYS A 114 -6.89 -21.72 -13.38
C LYS A 114 -5.40 -21.98 -13.54
N ARG A 115 -4.90 -21.95 -14.78
CA ARG A 115 -3.46 -22.05 -14.98
C ARG A 115 -2.74 -20.82 -14.46
N LEU A 116 -3.37 -19.65 -14.57
CA LEU A 116 -2.75 -18.43 -14.06
C LEU A 116 -2.59 -18.49 -12.54
N ASN A 117 -3.61 -18.98 -11.83
CA ASN A 117 -3.49 -19.13 -10.38
C ASN A 117 -2.40 -20.13 -10.02
N THR A 118 -2.25 -21.18 -10.83
CA THR A 118 -1.15 -22.12 -10.61
C THR A 118 0.19 -21.43 -10.77
N ILE A 119 0.33 -20.58 -11.78
CA ILE A 119 1.59 -19.87 -12.00
C ILE A 119 1.84 -18.83 -10.91
N LEU A 120 0.81 -18.06 -10.55
CA LEU A 120 0.97 -17.04 -9.53
C LEU A 120 1.32 -17.63 -8.18
N ASN A 121 0.67 -18.74 -7.81
CA ASN A 121 0.98 -19.38 -6.54
C ASN A 121 2.35 -20.04 -6.55
N THR A 122 2.72 -20.66 -7.68
CA THR A 122 4.03 -21.28 -7.78
C THR A 122 5.13 -20.24 -7.76
N MET A 123 4.89 -19.05 -8.31
CA MET A 123 5.90 -17.99 -8.28
C MET A 123 6.10 -17.48 -6.86
N SER A 124 5.02 -17.36 -6.08
CA SER A 124 5.16 -16.95 -4.69
C SER A 124 5.81 -18.05 -3.86
N THR A 125 5.49 -19.31 -4.15
CA THR A 125 6.08 -20.42 -3.40
C THR A 125 7.59 -20.50 -3.61
N ILE A 126 8.03 -20.32 -4.86
CA ILE A 126 9.46 -20.39 -5.15
C ILE A 126 10.20 -19.26 -4.42
N TYR A 127 9.64 -18.04 -4.47
CA TYR A 127 10.27 -16.92 -3.80
C TYR A 127 10.28 -17.11 -2.29
N SER A 128 9.19 -17.62 -1.72
CA SER A 128 9.11 -17.78 -0.27
C SER A 128 10.06 -18.85 0.24
N SER A 129 10.23 -19.93 -0.52
CA SER A 129 11.09 -21.05 -0.12
C SER A 129 12.46 -20.99 -0.78
N GLY A 130 12.92 -19.79 -1.13
CA GLY A 130 14.23 -19.64 -1.73
C GLY A 130 15.33 -19.57 -0.69
N LYS A 131 16.41 -20.31 -0.94
CA LYS A 131 17.52 -20.39 0.00
C LYS A 131 18.78 -20.81 -0.74
N VAL A 132 19.92 -20.50 -0.15
CA VAL A 132 21.22 -20.88 -0.69
C VAL A 132 22.01 -21.60 0.39
N LEU A 133 22.84 -22.54 -0.03
CA LEU A 133 23.65 -23.34 0.89
C LEU A 133 25.05 -22.75 0.94
N ASP A 134 25.47 -22.34 2.14
CA ASP A 134 26.75 -21.66 2.32
C ASP A 134 27.90 -22.57 1.94
N PRO A 135 29.11 -22.01 1.77
CA PRO A 135 30.29 -22.87 1.64
C PRO A 135 30.44 -23.83 2.79
N ASN A 136 30.05 -23.42 4.00
CA ASN A 136 29.80 -24.38 5.08
C ASN A 136 28.65 -25.28 4.65
N THR A 137 28.96 -26.54 4.36
CA THR A 137 28.01 -27.39 3.66
C THR A 137 26.73 -27.60 4.46
N GLN A 138 26.85 -27.77 5.78
CA GLN A 138 25.70 -28.10 6.63
C GLN A 138 25.01 -26.83 7.13
N GLU A 139 24.59 -25.99 6.16
CA GLU A 139 23.95 -24.73 6.51
C GLU A 139 23.16 -24.23 5.30
N TYR A 140 21.89 -23.92 5.52
CA TYR A 140 21.02 -23.30 4.52
C TYR A 140 20.73 -21.87 4.96
N LEU A 141 20.84 -20.93 4.02
CA LEU A 141 20.63 -19.51 4.31
C LEU A 141 19.37 -19.04 3.59
N VAL A 142 18.34 -18.71 4.37
CA VAL A 142 17.09 -18.19 3.82
C VAL A 142 17.25 -16.70 3.57
N LEU A 143 16.29 -16.11 2.84
CA LEU A 143 16.38 -14.69 2.54
C LEU A 143 16.31 -13.85 3.81
N GLU A 144 15.37 -14.16 4.70
CA GLU A 144 15.23 -13.46 5.96
C GLU A 144 15.40 -14.42 7.12
N PRO A 145 16.31 -14.15 8.07
CA PRO A 145 17.20 -13.00 8.07
C PRO A 145 18.61 -13.32 7.54
N GLY A 146 18.79 -14.51 6.98
CA GLY A 146 20.11 -14.99 6.60
C GLY A 146 20.78 -14.20 5.50
N LEU A 147 20.16 -14.14 4.32
CA LEU A 147 20.76 -13.41 3.21
C LEU A 147 20.59 -11.91 3.33
N ASP A 148 19.50 -11.44 3.96
CA ASP A 148 19.32 -10.01 4.17
C ASP A 148 20.41 -9.45 5.07
N ASP A 149 20.84 -10.21 6.08
CA ASP A 149 21.91 -9.75 6.96
C ASP A 149 23.20 -9.56 6.18
N ILE A 150 23.52 -10.48 5.28
CA ILE A 150 24.73 -10.35 4.48
C ILE A 150 24.64 -9.14 3.57
N MET A 151 23.48 -8.93 2.96
CA MET A 151 23.34 -7.83 2.01
C MET A 151 23.26 -6.48 2.70
N GLU A 152 22.62 -6.42 3.87
CA GLU A 152 22.47 -5.15 4.56
C GLU A 152 23.68 -4.80 5.43
N ASN A 153 24.28 -5.80 6.08
CA ASN A 153 25.29 -5.54 7.10
C ASN A 153 26.71 -5.91 6.68
N SER A 154 26.89 -7.03 5.97
CA SER A 154 28.23 -7.47 5.63
C SER A 154 28.89 -6.49 4.65
N GLU A 155 30.19 -6.27 4.84
CA GLU A 155 30.97 -5.37 4.01
C GLU A 155 32.11 -6.11 3.32
N ASP A 156 31.94 -7.40 3.09
CA ASP A 156 32.92 -8.21 2.38
C ASP A 156 32.47 -8.42 0.95
N TYR A 157 33.34 -8.06 0.00
CA TYR A 157 32.99 -8.19 -1.41
C TYR A 157 32.69 -9.64 -1.78
N ASN A 158 33.51 -10.57 -1.29
CA ASN A 158 33.34 -11.97 -1.66
C ASN A 158 32.07 -12.56 -1.07
N ARG A 159 31.76 -12.22 0.19
CA ARG A 159 30.56 -12.77 0.82
C ARG A 159 29.29 -12.12 0.27
N ARG A 160 29.37 -10.87 -0.16
CA ARG A 160 28.19 -10.24 -0.75
C ARG A 160 27.91 -10.79 -2.14
N LEU A 161 28.96 -11.03 -2.93
CA LEU A 161 28.75 -11.63 -4.25
C LEU A 161 28.25 -13.06 -4.12
N TRP A 162 28.62 -13.76 -3.05
CA TRP A 162 28.08 -15.10 -2.83
C TRP A 162 26.58 -15.07 -2.63
N ALA A 163 26.09 -14.15 -1.79
CA ALA A 163 24.66 -14.09 -1.50
C ALA A 163 23.89 -13.49 -2.67
N TRP A 164 24.46 -12.49 -3.33
CA TRP A 164 23.78 -11.84 -4.46
C TRP A 164 23.63 -12.80 -5.62
N GLU A 165 24.72 -13.47 -6.01
CA GLU A 165 24.64 -14.42 -7.11
C GLU A 165 23.86 -15.66 -6.72
N GLY A 166 23.95 -16.09 -5.47
CA GLY A 166 23.22 -17.26 -5.03
C GLY A 166 21.71 -17.08 -5.12
N TRP A 167 21.23 -15.90 -4.73
CA TRP A 167 19.79 -15.62 -4.82
C TRP A 167 19.33 -15.61 -6.27
N ARG A 168 20.12 -15.01 -7.16
CA ARG A 168 19.77 -14.98 -8.57
C ARG A 168 19.79 -16.39 -9.17
N ALA A 169 20.79 -17.19 -8.81
CA ALA A 169 20.93 -18.51 -9.42
C ALA A 169 19.86 -19.49 -8.94
N GLU A 170 19.34 -19.29 -7.72
CA GLU A 170 18.36 -20.22 -7.16
C GLU A 170 16.92 -19.78 -7.45
N VAL A 171 16.54 -18.60 -6.98
CA VAL A 171 15.17 -18.15 -7.17
C VAL A 171 14.93 -17.72 -8.61
N GLY A 172 15.88 -17.00 -9.21
CA GLY A 172 15.66 -16.46 -10.54
C GLY A 172 15.56 -17.53 -11.61
N LYS A 173 16.44 -18.52 -11.57
CA LYS A 173 16.44 -19.55 -12.61
C LYS A 173 15.16 -20.39 -12.55
N GLN A 174 14.68 -20.70 -11.36
CA GLN A 174 13.45 -21.46 -11.22
C GLN A 174 12.25 -20.64 -11.67
N LEU A 175 12.27 -19.34 -11.40
CA LEU A 175 11.16 -18.46 -11.74
C LEU A 175 11.14 -18.04 -13.19
N ARG A 176 12.19 -18.33 -13.95
CA ARG A 176 12.24 -17.92 -15.36
C ARG A 176 11.14 -18.57 -16.20
N PRO A 177 10.97 -19.90 -16.21
CA PRO A 177 9.89 -20.46 -17.04
C PRO A 177 8.50 -20.04 -16.61
N PHE A 178 8.28 -19.83 -15.31
CA PHE A 178 6.97 -19.43 -14.83
C PHE A 178 6.66 -18.00 -15.23
N TYR A 179 7.66 -17.13 -15.24
CA TYR A 179 7.42 -15.73 -15.57
C TYR A 179 7.12 -15.55 -17.06
N GLU A 180 7.74 -16.37 -17.93
CA GLU A 180 7.44 -16.29 -19.34
C GLU A 180 5.99 -16.65 -19.62
N GLU A 181 5.48 -17.69 -18.95
CA GLU A 181 4.06 -18.04 -19.08
C GLU A 181 3.17 -17.03 -18.37
N TYR A 182 3.70 -16.39 -17.32
CA TYR A 182 2.94 -15.35 -16.62
C TYR A 182 2.67 -14.16 -17.53
N VAL A 183 3.67 -13.79 -18.35
CA VAL A 183 3.48 -12.66 -19.25
C VAL A 183 2.43 -12.98 -20.31
N VAL A 184 2.47 -14.19 -20.86
CA VAL A 184 1.53 -14.56 -21.92
C VAL A 184 0.11 -14.61 -21.39
N LEU A 185 -0.09 -15.21 -20.22
CA LEU A 185 -1.45 -15.33 -19.68
C LEU A 185 -1.99 -13.97 -19.25
N GLU A 186 -1.14 -13.13 -18.66
CA GLU A 186 -1.62 -11.82 -18.22
C GLU A 186 -1.87 -10.88 -19.39
N ASN A 187 -1.13 -11.04 -20.49
CA ASN A 187 -1.40 -10.23 -21.68
C ASN A 187 -2.75 -10.59 -22.29
N GLU A 188 -3.09 -11.88 -22.31
CA GLU A 188 -4.38 -12.30 -22.84
C GLU A 188 -5.53 -11.72 -22.02
N MET A 189 -5.37 -11.69 -20.68
CA MET A 189 -6.39 -11.11 -19.83
C MET A 189 -6.55 -9.63 -20.11
N ALA A 190 -5.43 -8.90 -20.27
CA ALA A 190 -5.52 -7.46 -20.48
C ALA A 190 -6.13 -7.12 -21.83
N ARG A 191 -5.76 -7.86 -22.88
CA ARG A 191 -6.33 -7.59 -24.20
C ARG A 191 -7.82 -7.96 -24.23
N ALA A 192 -8.23 -8.95 -23.45
CA ALA A 192 -9.65 -9.27 -23.36
C ALA A 192 -10.44 -8.11 -22.77
N ASN A 193 -9.86 -7.43 -21.78
CA ASN A 193 -10.46 -6.24 -21.19
C ASN A 193 -10.21 -4.98 -22.03
N ASN A 194 -9.80 -5.15 -23.29
CA ASN A 194 -9.60 -4.12 -24.31
C ASN A 194 -8.32 -3.33 -24.10
N TYR A 195 -7.48 -3.68 -23.14
CA TYR A 195 -6.18 -3.05 -23.00
C TYR A 195 -5.22 -3.58 -24.07
N GLU A 196 -4.09 -2.90 -24.23
CA GLU A 196 -3.11 -3.34 -25.20
C GLU A 196 -2.20 -4.44 -24.64
N ASP A 197 -1.87 -4.35 -23.36
CA ASP A 197 -0.98 -5.32 -22.72
C ASP A 197 -1.23 -5.25 -21.22
N TYR A 198 -0.58 -6.13 -20.48
CA TYR A 198 -0.77 -6.17 -19.03
C TYR A 198 -0.17 -4.94 -18.36
N GLY A 199 0.86 -4.34 -18.95
CA GLY A 199 1.34 -3.07 -18.44
C GLY A 199 0.33 -1.95 -18.63
N ASP A 200 -0.38 -1.98 -19.76
CA ASP A 200 -1.45 -1.01 -19.98
C ASP A 200 -2.57 -1.19 -18.97
N TYR A 201 -2.83 -2.45 -18.58
CA TYR A 201 -3.80 -2.72 -17.53
C TYR A 201 -3.37 -2.10 -16.21
N TRP A 202 -2.07 -2.19 -15.88
CA TRP A 202 -1.57 -1.64 -14.63
C TRP A 202 -1.59 -0.12 -14.62
N ARG A 203 -1.45 0.52 -15.78
CA ARG A 203 -1.48 1.97 -15.85
C ARG A 203 -2.89 2.54 -15.77
N GLY A 204 -3.91 1.68 -15.70
CA GLY A 204 -5.27 2.14 -15.54
C GLY A 204 -5.63 2.59 -14.15
N ASP A 205 -4.70 2.43 -13.19
CA ASP A 205 -4.90 2.98 -11.86
C ASP A 205 -4.75 4.49 -11.83
N TYR A 206 -4.19 5.08 -12.88
CA TYR A 206 -4.06 6.51 -13.03
C TYR A 206 -4.88 7.01 -14.21
N GLU A 207 -5.96 6.31 -14.53
CA GLU A 207 -6.77 6.61 -15.71
C GLU A 207 -7.99 7.41 -15.30
N VAL A 208 -8.09 8.64 -15.82
CA VAL A 208 -9.26 9.49 -15.67
C VAL A 208 -9.77 9.80 -17.06
N THR A 209 -11.04 9.51 -17.32
CA THR A 209 -11.58 9.69 -18.66
C THR A 209 -12.87 10.48 -18.67
N GLY A 210 -13.65 10.39 -17.61
CA GLY A 210 -14.94 11.06 -17.59
C GLY A 210 -14.91 12.54 -17.28
N ALA A 211 -13.78 13.04 -16.79
CA ALA A 211 -13.70 14.44 -16.41
C ALA A 211 -13.42 15.32 -17.63
N ASP A 212 -13.46 16.63 -17.42
CA ASP A 212 -13.14 17.61 -18.45
C ASP A 212 -11.96 18.44 -17.97
N GLY A 213 -10.82 18.32 -18.65
CA GLY A 213 -9.61 18.98 -18.23
C GLY A 213 -8.88 18.28 -17.10
N TYR A 214 -9.46 17.23 -16.53
CA TYR A 214 -8.81 16.40 -15.53
C TYR A 214 -8.54 15.00 -16.05
N ASP A 215 -8.48 14.83 -17.36
CA ASP A 215 -8.31 13.52 -17.95
C ASP A 215 -6.85 13.12 -17.92
N TYR A 216 -6.58 11.90 -17.46
CA TYR A 216 -5.24 11.34 -17.43
C TYR A 216 -5.28 10.00 -18.17
N SER A 217 -4.49 9.89 -19.23
CA SER A 217 -4.45 8.68 -20.03
C SER A 217 -3.45 7.68 -19.45
N ARG A 218 -3.61 6.43 -19.87
CA ARG A 218 -2.60 5.42 -19.54
C ARG A 218 -1.27 5.75 -20.20
N ASN A 219 -1.31 6.26 -21.43
CA ASN A 219 -0.09 6.71 -22.10
C ASN A 219 0.46 8.00 -21.50
N GLN A 220 -0.37 8.75 -20.77
CA GLN A 220 0.13 9.95 -20.11
C GLN A 220 1.01 9.59 -18.91
N LEU A 221 0.74 8.45 -18.27
CA LEU A 221 1.53 8.06 -17.10
C LEU A 221 2.98 7.81 -17.47
N ILE A 222 3.22 7.04 -18.53
CA ILE A 222 4.58 6.76 -18.95
C ILE A 222 5.28 8.03 -19.41
N ALA A 223 4.53 8.94 -20.06
CA ALA A 223 5.11 10.21 -20.47
C ALA A 223 5.54 11.04 -19.25
N ASP A 224 4.71 11.07 -18.21
CA ASP A 224 5.06 11.86 -17.02
C ASP A 224 6.15 11.18 -16.21
N VAL A 225 6.11 9.85 -16.10
CA VAL A 225 7.16 9.14 -15.38
C VAL A 225 8.51 9.35 -16.03
N GLU A 226 8.56 9.25 -17.37
CA GLU A 226 9.81 9.46 -18.08
C GLU A 226 10.23 10.93 -18.05
N ARG A 227 9.27 11.85 -18.08
CA ARG A 227 9.61 13.28 -18.05
C ARG A 227 10.15 13.67 -16.68
N THR A 228 9.53 13.21 -15.60
CA THR A 228 10.00 13.57 -14.26
C THR A 228 11.35 12.94 -13.96
N PHE A 229 11.60 11.73 -14.47
CA PHE A 229 12.89 11.09 -14.22
C PHE A 229 14.04 11.83 -14.89
N ALA A 230 13.78 12.49 -16.03
CA ALA A 230 14.82 13.25 -16.69
C ALA A 230 15.31 14.42 -15.84
N GLU A 231 14.52 14.85 -14.87
CA GLU A 231 14.93 15.93 -13.97
C GLU A 231 15.61 15.41 -12.71
N ILE A 232 15.31 14.18 -12.30
CA ILE A 232 15.99 13.58 -11.17
C ILE A 232 17.38 13.10 -11.53
N LYS A 233 17.64 12.89 -12.82
CA LYS A 233 18.93 12.34 -13.25
C LYS A 233 20.12 13.19 -12.83
N PRO A 234 20.11 14.52 -12.97
CA PRO A 234 21.24 15.30 -12.46
C PRO A 234 21.47 15.15 -10.97
N LEU A 235 20.41 15.00 -10.17
CA LEU A 235 20.58 14.79 -8.74
C LEU A 235 21.11 13.40 -8.45
N TYR A 236 20.62 12.39 -9.18
CA TYR A 236 21.05 11.02 -8.93
C TYR A 236 22.50 10.80 -9.36
N GLU A 237 22.92 11.45 -10.45
CA GLU A 237 24.30 11.29 -10.90
C GLU A 237 25.29 11.86 -9.89
N GLN A 238 24.96 13.00 -9.29
CA GLN A 238 25.82 13.55 -8.24
C GLN A 238 25.83 12.64 -7.02
N LEU A 239 24.68 12.06 -6.67
CA LEU A 239 24.65 11.11 -5.56
C LEU A 239 25.34 9.80 -5.93
N HIS A 240 25.17 9.36 -7.18
CA HIS A 240 25.86 8.16 -7.64
C HIS A 240 27.36 8.34 -7.63
N ALA A 241 27.84 9.52 -8.02
CA ALA A 241 29.28 9.79 -8.03
C ALA A 241 29.84 9.81 -6.61
N TYR A 242 29.13 10.40 -5.66
CA TYR A 242 29.61 10.46 -4.29
C TYR A 242 29.68 9.07 -3.68
N VAL A 243 28.64 8.25 -3.88
CA VAL A 243 28.64 6.90 -3.35
C VAL A 243 29.72 6.06 -4.01
N ARG A 244 29.95 6.27 -5.31
CA ARG A 244 30.97 5.51 -6.01
C ARG A 244 32.36 5.79 -5.43
N ALA A 245 32.66 7.05 -5.15
CA ALA A 245 33.95 7.39 -4.56
C ALA A 245 34.10 6.77 -3.17
N LYS A 246 33.02 6.78 -2.37
CA LYS A 246 33.08 6.18 -1.05
C LYS A 246 33.19 4.66 -1.11
N LEU A 247 32.59 4.04 -2.13
CA LEU A 247 32.74 2.59 -2.28
C LEU A 247 34.13 2.19 -2.75
N MET A 248 34.88 3.12 -3.35
CA MET A 248 36.26 2.83 -3.71
C MET A 248 37.15 2.76 -2.47
N ASP A 249 36.84 3.54 -1.44
CA ASP A 249 37.57 3.43 -0.19
C ASP A 249 37.30 2.09 0.49
N ALA A 250 36.05 1.64 0.48
CA ALA A 250 35.69 0.40 1.14
C ALA A 250 36.13 -0.83 0.35
N TYR A 251 36.10 -0.76 -0.98
CA TYR A 251 36.47 -1.88 -1.84
C TYR A 251 37.53 -1.39 -2.83
N PRO A 252 38.78 -1.26 -2.41
CA PRO A 252 39.83 -0.78 -3.32
C PRO A 252 40.03 -1.74 -4.49
N SER A 253 40.23 -1.14 -5.67
CA SER A 253 40.58 -1.82 -6.92
C SER A 253 39.45 -2.68 -7.47
N ARG A 254 38.33 -2.82 -6.78
CA ARG A 254 37.22 -3.64 -7.24
C ARG A 254 36.10 -2.83 -7.86
N ILE A 255 36.23 -1.51 -7.91
CA ILE A 255 35.22 -0.64 -8.49
C ILE A 255 35.92 0.44 -9.31
N SER A 256 35.45 0.65 -10.54
CA SER A 256 36.10 1.60 -11.43
C SER A 256 35.80 3.04 -11.00
N PRO A 257 36.78 3.93 -11.07
CA PRO A 257 36.51 5.34 -10.72
C PRO A 257 35.51 6.01 -11.64
N THR A 258 35.39 5.56 -12.89
CA THR A 258 34.49 6.19 -13.84
C THR A 258 33.43 5.23 -14.38
N GLY A 259 33.28 4.06 -13.77
CA GLY A 259 32.30 3.09 -14.20
C GLY A 259 31.06 3.07 -13.33
N CYS A 260 30.29 2.00 -13.49
CA CYS A 260 29.05 1.83 -12.74
C CYS A 260 29.37 1.21 -11.38
N LEU A 261 28.33 0.90 -10.62
CA LEU A 261 28.45 0.31 -9.30
C LEU A 261 28.10 -1.17 -9.37
N PRO A 262 28.93 -2.06 -8.84
CA PRO A 262 28.55 -3.48 -8.81
C PRO A 262 27.26 -3.67 -8.01
N ALA A 263 26.40 -4.55 -8.52
CA ALA A 263 25.04 -4.67 -8.00
C ALA A 263 25.00 -5.24 -6.59
N HIS A 264 26.04 -5.93 -6.16
CA HIS A 264 26.04 -6.58 -4.85
C HIS A 264 26.61 -5.70 -3.74
N LEU A 265 26.95 -4.45 -4.05
CA LEU A 265 27.54 -3.53 -3.08
C LEU A 265 26.63 -2.35 -2.79
N LEU A 266 25.32 -2.52 -2.97
CA LEU A 266 24.37 -1.43 -2.88
C LEU A 266 23.53 -1.45 -1.61
N GLY A 267 23.93 -2.24 -0.61
CA GLY A 267 23.31 -2.21 0.68
C GLY A 267 22.14 -3.16 0.89
N ASP A 268 21.67 -3.83 -0.15
CA ASP A 268 20.64 -4.84 0.01
C ASP A 268 20.68 -5.77 -1.20
N MET A 269 19.76 -6.74 -1.21
CA MET A 269 19.82 -7.81 -2.19
C MET A 269 19.57 -7.30 -3.60
N TRP A 270 18.76 -6.26 -3.77
CA TRP A 270 18.35 -5.80 -5.08
C TRP A 270 18.84 -4.40 -5.43
N GLY A 271 19.45 -3.69 -4.48
CA GLY A 271 19.81 -2.31 -4.74
C GLY A 271 18.64 -1.35 -4.71
N ARG A 272 17.49 -1.78 -4.18
CA ARG A 272 16.32 -0.91 -4.16
C ARG A 272 16.55 0.34 -3.34
N PHE A 273 17.18 0.19 -2.17
CA PHE A 273 17.53 1.32 -1.32
C PHE A 273 19.02 1.31 -1.04
N TRP A 274 19.60 2.51 -0.95
CA TRP A 274 21.00 2.68 -0.60
C TRP A 274 21.19 3.07 0.86
N THR A 275 20.14 2.94 1.67
CA THR A 275 20.20 3.42 3.05
C THR A 275 21.15 2.61 3.91
N ASN A 276 21.48 1.38 3.52
CA ASN A 276 22.43 0.58 4.28
C ASN A 276 23.88 0.90 3.92
N LEU A 277 24.10 1.81 2.96
CA LEU A 277 25.44 2.30 2.65
C LEU A 277 25.81 3.52 3.48
N TYR A 278 24.94 3.95 4.39
CA TYR A 278 25.20 5.17 5.16
C TYR A 278 26.48 5.11 5.96
N PRO A 279 26.79 4.04 6.71
CA PRO A 279 28.07 4.02 7.43
C PRO A 279 29.28 4.14 6.51
N LEU A 280 29.20 3.62 5.29
CA LEU A 280 30.30 3.78 4.34
C LEU A 280 30.35 5.18 3.75
N THR A 281 29.18 5.79 3.53
CA THR A 281 29.09 7.06 2.82
C THR A 281 28.65 8.20 3.71
N VAL A 282 28.81 8.08 5.02
CA VAL A 282 28.40 9.16 5.91
C VAL A 282 29.28 10.38 5.67
N PRO A 283 28.70 11.57 5.44
CA PRO A 283 29.55 12.75 5.17
C PRO A 283 30.48 13.10 6.33
N PHE A 284 29.94 13.25 7.53
CA PHE A 284 30.72 13.60 8.72
C PHE A 284 30.47 12.53 9.77
N GLY A 285 31.32 11.49 9.77
CA GLY A 285 31.16 10.40 10.72
C GLY A 285 31.47 10.78 12.16
N GLU A 286 32.25 11.84 12.37
CA GLU A 286 32.53 12.29 13.73
C GLU A 286 31.27 12.79 14.42
N LYS A 287 30.42 13.53 13.69
CA LYS A 287 29.17 14.00 14.26
C LYS A 287 28.16 12.84 14.36
N PRO A 288 27.53 12.66 15.51
CA PRO A 288 26.51 11.63 15.66
C PRO A 288 25.17 12.10 15.09
N SER A 289 24.25 11.15 14.97
CA SER A 289 22.93 11.45 14.45
C SER A 289 22.04 12.02 15.55
N ILE A 290 20.95 12.66 15.12
CA ILE A 290 20.00 13.27 16.06
C ILE A 290 18.99 12.17 16.40
N ASP A 291 19.37 11.34 17.37
CA ASP A 291 18.56 10.22 17.80
C ASP A 291 18.10 10.47 19.23
N VAL A 292 16.79 10.43 19.43
CA VAL A 292 16.19 10.74 20.73
C VAL A 292 15.66 9.49 21.42
N THR A 293 16.05 8.30 20.97
CA THR A 293 15.55 7.08 21.57
C THR A 293 15.98 6.95 23.03
N LYS A 294 17.18 7.41 23.35
CA LYS A 294 17.67 7.33 24.73
C LYS A 294 17.20 8.48 25.60
N GLU A 295 16.67 9.55 25.00
CA GLU A 295 16.01 10.61 25.76
C GLU A 295 14.56 10.28 26.04
N MET A 296 13.96 9.36 25.28
CA MET A 296 12.63 8.86 25.60
C MET A 296 12.67 7.86 26.74
N GLN A 297 13.71 7.02 26.77
CA GLN A 297 13.87 6.07 27.87
C GLN A 297 14.11 6.78 29.20
N ASN A 298 14.70 7.96 29.17
CA ASN A 298 14.95 8.74 30.38
C ASN A 298 13.79 9.62 30.78
N GLN A 299 12.73 9.67 29.97
CA GLN A 299 11.50 10.39 30.33
C GLN A 299 10.34 9.44 30.58
N SER A 300 10.63 8.16 30.78
CA SER A 300 9.61 7.15 31.09
C SER A 300 8.56 7.05 29.99
N TRP A 301 9.00 7.15 28.74
CA TRP A 301 8.09 7.00 27.61
C TRP A 301 7.69 5.53 27.45
N ASP A 302 6.44 5.33 27.06
CA ASP A 302 5.89 4.01 26.80
C ASP A 302 5.29 3.98 25.40
N ALA A 303 4.79 2.81 25.00
CA ALA A 303 4.19 2.68 23.68
C ALA A 303 2.95 3.55 23.55
N LYS A 304 2.10 3.57 24.58
CA LYS A 304 0.93 4.44 24.58
C LYS A 304 1.32 5.91 24.58
N ARG A 305 2.42 6.25 25.25
CA ARG A 305 2.89 7.64 25.26
C ARG A 305 3.30 8.09 23.86
N ILE A 306 3.91 7.19 23.09
CA ILE A 306 4.35 7.54 21.74
C ILE A 306 3.15 7.89 20.86
N PHE A 307 2.09 7.08 20.92
CA PHE A 307 0.91 7.34 20.11
C PHE A 307 0.12 8.53 20.64
N LYS A 308 0.15 8.76 21.96
CA LYS A 308 -0.52 9.93 22.52
C LYS A 308 0.13 11.21 22.03
N GLU A 309 1.47 11.22 21.92
CA GLU A 309 2.15 12.39 21.37
C GLU A 309 1.96 12.49 19.87
N ALA A 310 1.88 11.35 19.16
CA ALA A 310 1.57 11.39 17.74
C ALA A 310 0.17 11.93 17.50
N GLU A 311 -0.78 11.60 18.38
CA GLU A 311 -2.14 12.09 18.25
C GLU A 311 -2.19 13.61 18.39
N LYS A 312 -1.39 14.18 19.29
CA LYS A 312 -1.41 15.62 19.48
C LYS A 312 -0.84 16.36 18.27
N PHE A 313 0.02 15.71 17.49
CA PHE A 313 0.52 16.34 16.27
C PHE A 313 -0.62 16.57 15.27
N PHE A 314 -1.48 15.58 15.10
CA PHE A 314 -2.58 15.72 14.15
C PHE A 314 -3.66 16.65 14.68
N VAL A 315 -3.87 16.67 15.99
CA VAL A 315 -4.83 17.61 16.56
C VAL A 315 -4.29 19.03 16.52
N SER A 316 -2.96 19.19 16.42
CA SER A 316 -2.39 20.53 16.30
C SER A 316 -2.78 21.19 14.98
N ILE A 317 -2.66 20.44 13.87
CA ILE A 317 -2.96 20.98 12.55
C ILE A 317 -4.45 21.01 12.24
N GLY A 318 -5.30 20.61 13.19
CA GLY A 318 -6.73 20.64 12.99
C GLY A 318 -7.36 19.33 12.59
N LEU A 319 -6.58 18.25 12.47
CA LEU A 319 -7.18 16.97 12.15
C LEU A 319 -7.88 16.41 13.39
N PRO A 320 -8.89 15.56 13.20
CA PRO A 320 -9.58 14.98 14.36
C PRO A 320 -8.65 14.06 15.15
N ASN A 321 -8.89 14.01 16.45
CA ASN A 321 -8.17 13.08 17.30
C ASN A 321 -8.72 11.67 17.12
N MET A 322 -7.93 10.70 17.57
CA MET A 322 -8.33 9.31 17.44
C MET A 322 -9.55 9.01 18.30
N THR A 323 -10.44 8.17 17.78
CA THR A 323 -11.65 7.81 18.50
C THR A 323 -11.31 6.97 19.72
N GLN A 324 -12.22 6.99 20.69
CA GLN A 324 -12.03 6.19 21.91
C GLN A 324 -12.00 4.71 21.59
N GLU A 325 -12.66 4.29 20.51
CA GLU A 325 -12.62 2.89 20.10
C GLU A 325 -11.24 2.51 19.58
N PHE A 326 -10.49 3.49 19.04
CA PHE A 326 -9.17 3.21 18.50
C PHE A 326 -8.21 2.72 19.58
N TRP A 327 -8.21 3.40 20.73
CA TRP A 327 -7.24 3.07 21.77
C TRP A 327 -7.49 1.69 22.36
N VAL A 328 -8.76 1.33 22.58
CA VAL A 328 -9.06 0.02 23.15
C VAL A 328 -8.78 -1.09 22.15
N ASN A 329 -9.19 -0.89 20.90
CA ASN A 329 -9.12 -1.97 19.91
C ASN A 329 -7.71 -2.19 19.39
N SER A 330 -6.92 -1.13 19.23
CA SER A 330 -5.62 -1.24 18.60
C SER A 330 -4.64 -2.01 19.49
N MET A 331 -3.74 -2.74 18.84
CA MET A 331 -2.63 -3.42 19.51
C MET A 331 -1.39 -2.56 19.33
N LEU A 332 -1.13 -1.71 20.32
CA LEU A 332 -0.04 -0.74 20.26
C LEU A 332 1.25 -1.26 20.84
N THR A 333 1.30 -2.52 21.26
CA THR A 333 2.52 -3.11 21.79
C THR A 333 2.44 -4.62 21.66
N GLU A 334 3.59 -5.27 21.76
CA GLU A 334 3.64 -6.72 21.66
C GLU A 334 2.98 -7.33 22.89
N PRO A 335 2.03 -8.25 22.71
CA PRO A 335 1.28 -8.76 23.87
C PRO A 335 2.18 -9.48 24.87
N GLY A 336 1.89 -9.28 26.15
CA GLY A 336 2.67 -9.93 27.19
C GLY A 336 2.49 -11.45 27.19
N ASP A 337 1.25 -11.91 27.02
CA ASP A 337 0.99 -13.34 26.96
C ASP A 337 1.57 -13.93 25.68
N GLY A 338 1.79 -15.24 25.70
CA GLY A 338 2.46 -15.91 24.60
C GLY A 338 1.60 -16.07 23.36
N ARG A 339 1.24 -14.97 22.73
CA ARG A 339 0.50 -14.97 21.47
C ARG A 339 1.42 -14.49 20.35
N LYS A 340 1.55 -15.30 19.31
CA LYS A 340 2.31 -14.89 18.15
C LYS A 340 1.56 -13.81 17.39
N VAL A 341 2.25 -12.72 17.06
CA VAL A 341 1.66 -11.60 16.34
C VAL A 341 2.58 -11.21 15.20
N VAL A 342 2.00 -10.56 14.20
CA VAL A 342 2.79 -9.97 13.12
C VAL A 342 3.39 -8.67 13.62
N CYS A 343 4.72 -8.55 13.51
CA CYS A 343 5.45 -7.39 13.99
C CYS A 343 5.78 -6.43 12.85
N HIS A 344 4.87 -6.31 11.90
CA HIS A 344 4.98 -5.34 10.82
C HIS A 344 3.96 -4.23 11.06
N PRO A 345 4.38 -2.99 11.28
CA PRO A 345 3.42 -1.93 11.60
C PRO A 345 2.49 -1.64 10.44
N THR A 346 1.19 -1.66 10.72
CA THR A 346 0.17 -1.37 9.73
C THR A 346 -0.96 -0.57 10.38
N ALA A 347 -1.68 0.19 9.56
CA ALA A 347 -2.88 0.88 9.97
C ALA A 347 -4.07 0.18 9.34
N TRP A 348 -5.08 -0.08 10.15
CA TRP A 348 -6.23 -0.88 9.72
C TRP A 348 -7.48 -0.02 9.69
N ASP A 349 -8.17 -0.04 8.56
CA ASP A 349 -9.50 0.55 8.41
C ASP A 349 -10.45 -0.63 8.17
N LEU A 350 -10.91 -1.23 9.28
CA LEU A 350 -11.74 -2.43 9.17
C LEU A 350 -13.10 -2.13 8.57
N GLY A 351 -13.63 -0.93 8.82
CA GLY A 351 -14.97 -0.58 8.41
C GLY A 351 -15.87 -0.37 9.61
N LYS A 352 -17.06 0.16 9.33
CA LYS A 352 -18.04 0.49 10.36
C LYS A 352 -17.44 1.42 11.40
N GLY A 353 -16.62 2.36 10.94
CA GLY A 353 -16.00 3.32 11.85
C GLY A 353 -15.00 2.73 12.81
N ASP A 354 -14.38 1.61 12.45
CA ASP A 354 -13.43 0.91 13.29
C ASP A 354 -12.03 1.09 12.72
N PHE A 355 -11.23 1.93 13.36
CA PHE A 355 -9.87 2.21 12.93
C PHE A 355 -8.89 1.69 13.97
N ARG A 356 -7.89 0.94 13.52
CA ARG A 356 -6.93 0.31 14.42
C ARG A 356 -5.54 0.43 13.84
N ILE A 357 -4.55 0.42 14.73
CA ILE A 357 -3.14 0.34 14.36
C ILE A 357 -2.54 -0.86 15.07
N LYS A 358 -1.90 -1.73 14.30
CA LYS A 358 -1.19 -2.88 14.83
C LYS A 358 0.31 -2.61 14.72
N MET A 359 0.96 -2.37 15.85
CA MET A 359 2.38 -2.04 15.85
C MET A 359 3.03 -2.60 17.10
N CYS A 360 4.05 -3.44 16.91
CA CYS A 360 4.89 -3.92 18.01
C CYS A 360 5.83 -2.78 18.39
N THR A 361 5.27 -1.82 19.14
CA THR A 361 5.98 -0.58 19.39
C THR A 361 7.09 -0.78 20.42
N LYS A 362 8.25 -0.20 20.13
CA LYS A 362 9.34 -0.06 21.07
C LYS A 362 9.61 1.41 21.31
N VAL A 363 10.13 1.73 22.50
CA VAL A 363 10.37 3.11 22.90
C VAL A 363 11.41 3.80 22.04
N THR A 364 11.99 3.10 21.06
CA THR A 364 12.98 3.70 20.17
C THR A 364 12.37 4.84 19.37
N MET A 365 13.26 5.64 18.76
CA MET A 365 12.82 6.77 17.94
C MET A 365 12.31 6.32 16.58
N ASP A 366 12.83 5.23 16.04
CA ASP A 366 12.37 4.75 14.74
C ASP A 366 10.90 4.38 14.78
N ASP A 367 10.47 3.71 15.85
CA ASP A 367 9.05 3.43 16.03
C ASP A 367 8.25 4.69 16.36
N PHE A 368 8.90 5.71 16.92
CA PHE A 368 8.22 6.98 17.16
C PHE A 368 7.82 7.65 15.86
N LEU A 369 8.70 7.61 14.84
CA LEU A 369 8.34 8.14 13.53
C LEU A 369 7.31 7.26 12.84
N THR A 370 7.34 5.95 13.09
CA THR A 370 6.35 5.06 12.52
C THR A 370 4.96 5.34 13.05
N ALA A 371 4.86 5.78 14.30
CA ALA A 371 3.56 6.13 14.87
C ALA A 371 2.92 7.29 14.13
N HIS A 372 3.72 8.27 13.71
CA HIS A 372 3.19 9.37 12.91
C HIS A 372 2.86 8.93 11.49
N HIS A 373 3.60 7.96 10.96
CA HIS A 373 3.31 7.46 9.62
C HIS A 373 2.02 6.66 9.60
N GLU A 374 1.85 5.74 10.57
CA GLU A 374 0.66 4.90 10.59
C GLU A 374 -0.59 5.69 10.96
N MET A 375 -0.46 6.69 11.84
CA MET A 375 -1.61 7.55 12.11
C MET A 375 -1.93 8.45 10.93
N GLY A 376 -0.97 8.67 10.03
CA GLY A 376 -1.27 9.40 8.81
C GLY A 376 -2.14 8.63 7.85
N HIS A 377 -2.20 7.31 7.98
CA HIS A 377 -3.13 6.47 7.25
C HIS A 377 -4.52 6.49 7.88
N ILE A 378 -4.58 6.39 9.22
CA ILE A 378 -5.85 6.40 9.92
C ILE A 378 -6.57 7.73 9.68
N GLN A 379 -5.82 8.83 9.70
CA GLN A 379 -6.42 10.13 9.43
C GLN A 379 -6.99 10.20 8.01
N TYR A 380 -6.28 9.62 7.05
CA TYR A 380 -6.81 9.54 5.70
C TYR A 380 -8.08 8.69 5.64
N ASP A 381 -8.06 7.53 6.32
CA ASP A 381 -9.23 6.67 6.34
C ASP A 381 -10.39 7.35 7.06
N MET A 382 -10.12 8.05 8.16
CA MET A 382 -11.18 8.76 8.86
C MET A 382 -11.78 9.87 8.02
N ALA A 383 -10.99 10.46 7.11
CA ALA A 383 -11.46 11.59 6.33
C ALA A 383 -12.53 11.18 5.34
N TYR A 384 -12.27 10.13 4.56
CA TYR A 384 -13.21 9.69 3.54
C TYR A 384 -14.17 8.61 4.04
N ALA A 385 -14.32 8.46 5.36
CA ALA A 385 -15.23 7.47 5.91
C ALA A 385 -16.69 7.81 5.64
N THR A 386 -16.99 9.05 5.24
CA THR A 386 -18.35 9.45 4.88
C THR A 386 -18.60 9.35 3.38
N GLN A 387 -17.60 8.95 2.61
CA GLN A 387 -17.80 8.72 1.18
C GLN A 387 -18.57 7.42 0.97
N PRO A 388 -19.19 7.25 -0.20
CA PRO A 388 -19.80 5.96 -0.53
C PRO A 388 -18.79 4.84 -0.43
N PHE A 389 -19.29 3.65 -0.10
CA PHE A 389 -18.41 2.53 0.24
C PHE A 389 -17.39 2.25 -0.87
N LEU A 390 -17.83 2.31 -2.12
CA LEU A 390 -16.92 2.04 -3.23
C LEU A 390 -15.91 3.16 -3.43
N LEU A 391 -16.16 4.35 -2.89
CA LEU A 391 -15.27 5.49 -3.05
C LEU A 391 -14.41 5.74 -1.82
N ARG A 392 -14.33 4.77 -0.91
CA ARG A 392 -13.57 4.93 0.33
C ARG A 392 -12.19 4.32 0.15
N ASN A 393 -11.32 5.07 -0.51
CA ASN A 393 -9.92 4.69 -0.70
C ASN A 393 -9.15 5.93 -1.12
N GLY A 394 -7.84 5.78 -1.28
CA GLY A 394 -7.02 6.90 -1.73
C GLY A 394 -7.34 7.28 -3.16
N ALA A 395 -6.93 8.50 -3.52
CA ALA A 395 -7.22 9.01 -4.86
C ALA A 395 -6.61 8.11 -5.94
N ASN A 396 -5.38 7.66 -5.73
CA ASN A 396 -4.84 6.55 -6.50
C ASN A 396 -3.91 5.76 -5.59
N GLU A 397 -3.19 4.79 -6.16
CA GLU A 397 -2.38 3.88 -5.36
C GLU A 397 -1.20 4.58 -4.69
N GLY A 398 -0.79 5.75 -5.18
CA GLY A 398 0.32 6.45 -4.57
C GLY A 398 -0.05 7.48 -3.53
N PHE A 399 -1.33 7.79 -3.37
CA PHE A 399 -1.73 8.87 -2.48
C PHE A 399 -1.69 8.46 -1.01
N HIS A 400 -2.09 7.23 -0.70
CA HIS A 400 -2.21 6.82 0.69
C HIS A 400 -0.85 6.75 1.38
N GLU A 401 0.16 6.22 0.67
CA GLU A 401 1.49 6.11 1.23
C GLU A 401 2.27 7.42 1.20
N ALA A 402 1.78 8.42 0.48
CA ALA A 402 2.37 9.75 0.52
C ALA A 402 1.88 10.57 1.72
N VAL A 403 0.63 10.37 2.12
CA VAL A 403 0.11 11.10 3.28
C VAL A 403 0.85 10.70 4.54
N GLY A 404 1.11 9.41 4.72
CA GLY A 404 1.84 8.96 5.90
C GLY A 404 3.27 9.45 5.92
N GLU A 405 3.94 9.48 4.77
CA GLU A 405 5.35 9.84 4.72
C GLU A 405 5.57 11.31 5.09
N ILE A 406 4.68 12.20 4.66
CA ILE A 406 4.86 13.61 4.99
C ILE A 406 4.68 13.87 6.48
N MET A 407 3.99 12.97 7.18
CA MET A 407 3.88 13.12 8.64
C MET A 407 5.22 12.82 9.31
N SER A 408 5.97 11.84 8.79
CA SER A 408 7.27 11.54 9.35
C SER A 408 8.28 12.62 9.05
N LEU A 409 8.12 13.34 7.93
CA LEU A 409 9.03 14.43 7.61
C LEU A 409 8.94 15.55 8.66
N SER A 410 7.72 15.88 9.08
CA SER A 410 7.56 16.90 10.12
C SER A 410 7.90 16.36 11.50
N ALA A 411 7.70 15.07 11.73
CA ALA A 411 7.96 14.51 13.05
C ALA A 411 9.45 14.35 13.32
N ALA A 412 10.25 14.13 12.28
CA ALA A 412 11.69 13.99 12.45
C ALA A 412 12.42 15.32 12.51
N THR A 413 11.72 16.43 12.30
CA THR A 413 12.35 17.74 12.33
C THR A 413 12.83 18.05 13.74
N PRO A 414 14.05 18.59 13.89
CA PRO A 414 14.51 18.98 15.23
C PRO A 414 13.62 20.02 15.90
N HIS A 415 12.91 20.83 15.13
CA HIS A 415 11.94 21.76 15.72
C HIS A 415 10.84 20.99 16.43
N TYR A 416 10.33 19.93 15.80
CA TYR A 416 9.32 19.10 16.45
C TYR A 416 9.87 18.41 17.69
N LEU A 417 11.09 17.89 17.61
CA LEU A 417 11.67 17.17 18.74
C LEU A 417 11.93 18.09 19.92
N LYS A 418 12.39 19.32 19.65
CA LYS A 418 12.62 20.27 20.73
C LYS A 418 11.31 20.71 21.37
N ALA A 419 10.25 20.83 20.57
CA ALA A 419 8.95 21.20 21.12
C ALA A 419 8.36 20.11 21.99
N LEU A 420 8.78 18.86 21.81
CA LEU A 420 8.32 17.74 22.63
C LEU A 420 9.20 17.51 23.84
N GLY A 421 10.29 18.27 24.00
CA GLY A 421 11.20 18.07 25.10
C GLY A 421 12.19 16.94 24.92
N LEU A 422 12.18 16.27 23.77
CA LEU A 422 13.14 15.20 23.50
C LEU A 422 14.52 15.74 23.17
N LEU A 423 14.67 17.04 22.97
CA LEU A 423 15.95 17.69 22.76
C LEU A 423 16.01 18.94 23.64
N PRO A 424 17.20 19.31 24.11
CA PRO A 424 17.33 20.51 24.94
C PRO A 424 16.92 21.75 24.17
N PRO A 425 16.32 22.74 24.86
CA PRO A 425 15.92 23.96 24.14
C PRO A 425 17.07 24.68 23.48
N ASP A 426 18.25 24.70 24.10
CA ASP A 426 19.45 25.29 23.50
C ASP A 426 20.20 24.22 22.73
N PHE A 427 19.63 23.84 21.60
CA PHE A 427 20.17 22.79 20.74
C PHE A 427 20.63 23.43 19.43
N TYR A 428 21.89 23.20 19.08
CA TYR A 428 22.46 23.72 17.85
C TYR A 428 22.29 22.70 16.74
N GLU A 429 21.59 23.09 15.67
CA GLU A 429 21.45 22.25 14.48
C GLU A 429 22.57 22.64 13.54
N ASP A 430 23.70 21.93 13.65
CA ASP A 430 24.87 22.25 12.87
C ASP A 430 24.71 21.77 11.43
N ASN A 431 25.40 22.46 10.52
CA ASN A 431 25.33 22.10 9.10
C ASN A 431 25.89 20.70 8.86
N VAL A 432 26.80 20.24 9.71
CA VAL A 432 27.32 18.88 9.57
C VAL A 432 26.21 17.87 9.81
N THR A 433 25.43 18.07 10.88
CA THR A 433 24.36 17.13 11.19
C THR A 433 23.23 17.20 10.16
N GLU A 434 22.94 18.40 9.66
CA GLU A 434 21.89 18.54 8.65
C GLU A 434 22.27 17.84 7.35
N ILE A 435 23.52 17.98 6.93
CA ILE A 435 23.98 17.33 5.70
C ILE A 435 23.97 15.81 5.87
N ASN A 436 24.29 15.33 7.07
CA ASN A 436 24.17 13.90 7.35
C ASN A 436 22.73 13.42 7.21
N PHE A 437 21.78 14.28 7.60
CA PHE A 437 20.38 13.90 7.50
C PHE A 437 19.92 13.82 6.04
N LEU A 438 20.29 14.81 5.24
CA LEU A 438 19.89 14.82 3.83
C LEU A 438 20.54 13.67 3.07
N LEU A 439 21.80 13.37 3.37
CA LEU A 439 22.45 12.23 2.73
C LEU A 439 21.76 10.92 3.12
N LYS A 440 21.32 10.81 4.38
CA LYS A 440 20.57 9.65 4.81
C LYS A 440 19.24 9.56 4.07
N GLN A 441 18.58 10.70 3.85
CA GLN A 441 17.33 10.71 3.09
C GLN A 441 17.56 10.34 1.63
N ALA A 442 18.64 10.84 1.02
CA ALA A 442 18.89 10.60 -0.39
C ALA A 442 19.14 9.13 -0.67
N LEU A 443 19.88 8.46 0.21
CA LEU A 443 20.17 7.04 0.02
C LEU A 443 18.89 6.21 0.01
N GLN A 444 17.84 6.70 0.66
CA GLN A 444 16.56 6.01 0.72
C GLN A 444 15.55 6.55 -0.30
N ILE A 445 15.48 7.86 -0.46
CA ILE A 445 14.47 8.47 -1.31
C ILE A 445 14.95 8.64 -2.74
N VAL A 446 16.19 9.10 -2.93
CA VAL A 446 16.70 9.35 -4.27
C VAL A 446 17.29 8.09 -4.90
N GLY A 447 17.96 7.26 -4.10
CA GLY A 447 18.57 6.05 -4.62
C GLY A 447 17.58 5.02 -5.13
N THR A 448 16.32 5.12 -4.70
CA THR A 448 15.30 4.19 -5.15
C THR A 448 14.58 4.63 -6.42
N LEU A 449 14.62 5.92 -6.74
CA LEU A 449 13.86 6.41 -7.90
C LEU A 449 14.34 5.81 -9.22
N PRO A 450 15.64 5.81 -9.55
CA PRO A 450 16.06 5.11 -10.78
C PRO A 450 15.78 3.61 -10.75
N PHE A 451 15.90 2.98 -9.58
CA PHE A 451 15.58 1.56 -9.49
C PHE A 451 14.10 1.31 -9.75
N THR A 452 13.22 2.13 -9.17
CA THR A 452 11.80 1.97 -9.39
C THR A 452 11.42 2.27 -10.83
N TYR A 453 11.96 3.34 -11.40
CA TYR A 453 11.66 3.68 -12.78
C TYR A 453 12.16 2.61 -13.73
N MET A 454 13.39 2.14 -13.54
CA MET A 454 13.98 1.17 -14.47
C MET A 454 13.26 -0.17 -14.40
N LEU A 455 12.92 -0.63 -13.19
CA LEU A 455 12.26 -1.93 -13.06
C LEU A 455 10.88 -1.91 -13.69
N GLU A 456 10.10 -0.86 -13.45
CA GLU A 456 8.76 -0.81 -14.02
C GLU A 456 8.80 -0.54 -15.51
N LYS A 457 9.80 0.20 -15.98
CA LYS A 457 9.98 0.38 -17.42
C LYS A 457 10.30 -0.95 -18.10
N TRP A 458 11.10 -1.79 -17.44
CA TRP A 458 11.41 -3.10 -18.01
C TRP A 458 10.15 -3.95 -18.14
N ARG A 459 9.32 -3.97 -17.11
CA ARG A 459 8.09 -4.77 -17.16
C ARG A 459 7.10 -4.19 -18.17
N TRP A 460 7.04 -2.86 -18.28
CA TRP A 460 6.15 -2.25 -19.26
C TRP A 460 6.53 -2.65 -20.68
N MET A 461 7.83 -2.69 -20.97
CA MET A 461 8.29 -3.09 -22.30
C MET A 461 8.18 -4.60 -22.50
N VAL A 462 8.29 -5.39 -21.41
CA VAL A 462 8.16 -6.83 -21.54
C VAL A 462 6.71 -7.21 -21.83
N PHE A 463 5.76 -6.59 -21.12
CA PHE A 463 4.34 -6.83 -21.41
C PHE A 463 3.98 -6.34 -22.80
N LYS A 464 4.54 -5.20 -23.22
CA LYS A 464 4.26 -4.63 -24.53
C LYS A 464 4.82 -5.48 -25.66
N GLY A 465 5.67 -6.45 -25.37
CA GLY A 465 6.32 -7.23 -26.40
C GLY A 465 7.53 -6.56 -27.01
N GLU A 466 7.90 -5.37 -26.53
CA GLU A 466 9.06 -4.67 -27.07
C GLU A 466 10.36 -5.42 -26.79
N ILE A 467 10.43 -6.13 -25.67
CA ILE A 467 11.60 -6.92 -25.32
C ILE A 467 11.25 -8.39 -25.56
N PRO A 468 11.85 -9.04 -26.57
CA PRO A 468 11.62 -10.48 -26.75
C PRO A 468 12.17 -11.28 -25.58
N LYS A 469 11.56 -12.44 -25.33
CA LYS A 469 11.97 -13.26 -24.20
C LYS A 469 13.38 -13.81 -24.35
N GLU A 470 13.97 -13.73 -25.53
CA GLU A 470 15.39 -14.05 -25.70
C GLU A 470 16.29 -12.87 -25.35
N GLN A 471 15.71 -11.69 -25.14
CA GLN A 471 16.46 -10.49 -24.76
C GLN A 471 16.01 -9.93 -23.43
N TRP A 472 15.33 -10.73 -22.60
CA TRP A 472 14.86 -10.25 -21.31
C TRP A 472 16.03 -9.86 -20.41
N MET A 473 17.08 -10.68 -20.38
CA MET A 473 18.24 -10.39 -19.54
C MET A 473 19.24 -9.48 -20.23
N GLN A 474 19.32 -9.52 -21.56
CA GLN A 474 20.16 -8.57 -22.28
C GLN A 474 19.69 -7.15 -22.04
N LYS A 475 18.38 -6.92 -22.06
CA LYS A 475 17.82 -5.60 -21.84
C LYS A 475 17.68 -5.24 -20.37
N TRP A 476 17.60 -6.23 -19.48
CA TRP A 476 17.50 -5.94 -18.05
C TRP A 476 18.78 -5.29 -17.55
N TRP A 477 19.94 -5.87 -17.88
CA TRP A 477 21.21 -5.34 -17.42
C TRP A 477 21.75 -4.24 -18.33
N GLU A 478 21.21 -4.09 -19.54
CA GLU A 478 21.58 -2.95 -20.35
C GLU A 478 20.98 -1.66 -19.81
N MET A 479 19.72 -1.73 -19.34
CA MET A 479 19.09 -0.58 -18.71
C MET A 479 19.58 -0.36 -17.29
N LYS A 480 20.03 -1.42 -16.62
CA LYS A 480 20.60 -1.26 -15.28
C LYS A 480 21.89 -0.46 -15.33
N ARG A 481 22.71 -0.68 -16.37
CA ARG A 481 23.96 0.04 -16.52
C ARG A 481 23.77 1.43 -17.13
N GLU A 482 22.59 1.73 -17.66
CA GLU A 482 22.34 3.00 -18.31
C GLU A 482 21.42 3.92 -17.53
N ILE A 483 20.42 3.37 -16.84
CA ILE A 483 19.47 4.17 -16.08
C ILE A 483 19.84 4.24 -14.61
N VAL A 484 20.23 3.09 -14.03
CA VAL A 484 20.61 3.07 -12.62
C VAL A 484 22.11 3.25 -12.42
N GLY A 485 22.92 3.06 -13.45
CA GLY A 485 24.36 3.10 -13.29
C GLY A 485 24.90 1.98 -12.43
N VAL A 486 24.40 0.76 -12.64
CA VAL A 486 24.78 -0.40 -11.85
C VAL A 486 25.16 -1.53 -12.78
N VAL A 487 26.33 -2.13 -12.56
CA VAL A 487 26.85 -3.21 -13.40
C VAL A 487 26.62 -4.53 -12.71
N GLU A 488 26.28 -5.54 -13.50
CA GLU A 488 26.21 -6.91 -12.99
C GLU A 488 27.60 -7.40 -12.62
N PRO A 489 27.81 -7.88 -11.38
CA PRO A 489 29.11 -8.46 -11.04
C PRO A 489 29.46 -9.68 -11.85
N LEU A 490 28.46 -10.43 -12.32
CA LEU A 490 28.66 -11.63 -13.11
C LEU A 490 27.72 -11.60 -14.31
N PRO A 491 28.11 -12.26 -15.41
CA PRO A 491 27.26 -12.29 -16.61
C PRO A 491 26.09 -13.25 -16.43
N HIS A 492 24.87 -12.71 -16.51
CA HIS A 492 23.66 -13.51 -16.47
C HIS A 492 23.10 -13.63 -17.87
N ASP A 493 22.90 -14.87 -18.34
CA ASP A 493 22.60 -15.13 -19.74
C ASP A 493 21.33 -15.96 -19.88
N GLU A 494 20.18 -15.27 -19.90
CA GLU A 494 18.92 -15.79 -20.42
C GLU A 494 18.40 -17.03 -19.71
N THR A 495 19.13 -17.53 -18.72
CA THR A 495 18.64 -18.57 -17.85
C THR A 495 18.16 -18.00 -16.52
N TYR A 496 18.59 -16.79 -16.18
CA TYR A 496 18.20 -16.10 -14.97
C TYR A 496 16.97 -15.24 -15.24
N CYS A 497 16.22 -14.98 -14.18
CA CYS A 497 15.20 -13.92 -14.19
C CYS A 497 15.54 -13.05 -12.98
N ASP A 498 16.47 -12.13 -13.18
CA ASP A 498 16.89 -11.25 -12.08
C ASP A 498 15.79 -10.33 -11.58
N PRO A 499 14.96 -9.70 -12.42
CA PRO A 499 13.85 -8.91 -11.86
C PRO A 499 12.88 -9.73 -11.04
N ALA A 500 12.64 -11.00 -11.41
CA ALA A 500 11.71 -11.84 -10.67
C ALA A 500 12.21 -12.16 -9.27
N CYS A 501 13.50 -11.98 -8.99
CA CYS A 501 14.03 -12.22 -7.66
C CYS A 501 13.51 -11.22 -6.64
N LEU A 502 12.95 -10.10 -7.09
CA LEU A 502 12.32 -9.16 -6.17
C LEU A 502 10.93 -9.66 -5.78
N PHE A 503 10.51 -9.30 -4.57
CA PHE A 503 9.23 -9.79 -4.05
C PHE A 503 8.08 -9.32 -4.93
N HIS A 504 8.07 -8.04 -5.30
CA HIS A 504 6.93 -7.47 -6.02
C HIS A 504 6.78 -8.07 -7.40
N VAL A 505 7.89 -8.29 -8.10
CA VAL A 505 7.82 -8.82 -9.45
C VAL A 505 7.26 -10.24 -9.44
N ALA A 506 7.70 -11.06 -8.49
CA ALA A 506 7.21 -12.43 -8.38
C ALA A 506 5.84 -12.53 -7.73
N GLU A 507 5.34 -11.44 -7.13
CA GLU A 507 4.06 -11.43 -6.47
C GLU A 507 2.97 -10.76 -7.30
N ASP A 508 3.27 -10.42 -8.56
CA ASP A 508 2.31 -9.78 -9.46
C ASP A 508 1.80 -8.46 -8.89
N TYR A 509 2.73 -7.63 -8.43
CA TYR A 509 2.41 -6.33 -7.88
C TYR A 509 2.98 -5.23 -8.77
N SER A 510 2.16 -4.22 -9.06
CA SER A 510 2.66 -3.06 -9.76
C SER A 510 3.67 -2.31 -8.91
N PHE A 511 4.73 -1.82 -9.55
CA PHE A 511 5.83 -1.20 -8.84
C PHE A 511 5.94 0.30 -9.08
N ILE A 512 5.09 0.87 -9.95
CA ILE A 512 5.15 2.30 -10.21
C ILE A 512 4.56 3.12 -9.07
N ARG A 513 3.81 2.50 -8.17
CA ARG A 513 3.23 3.23 -7.05
C ARG A 513 4.31 3.78 -6.13
N TYR A 514 5.47 3.11 -6.06
CA TYR A 514 6.58 3.60 -5.24
C TYR A 514 7.32 4.75 -5.89
N TYR A 515 7.12 5.00 -7.17
CA TYR A 515 7.71 6.13 -7.86
C TYR A 515 6.83 7.37 -7.75
N THR A 516 5.53 7.22 -8.01
CA THR A 516 4.61 8.34 -7.93
C THR A 516 4.40 8.78 -6.49
N ARG A 517 4.41 7.84 -5.53
CA ARG A 517 4.25 8.21 -4.13
C ARG A 517 5.39 9.10 -3.66
N THR A 518 6.62 8.81 -4.09
CA THR A 518 7.75 9.66 -3.75
C THR A 518 7.58 11.05 -4.32
N ILE A 519 7.10 11.15 -5.56
CA ILE A 519 6.90 12.46 -6.18
C ILE A 519 5.74 13.19 -5.52
N TYR A 520 4.65 12.50 -5.23
CA TYR A 520 3.53 13.11 -4.52
C TYR A 520 3.92 13.50 -3.11
N GLN A 521 4.83 12.75 -2.49
CA GLN A 521 5.20 13.01 -1.10
C GLN A 521 5.75 14.42 -0.92
N PHE A 522 6.66 14.83 -1.79
CA PHE A 522 7.26 16.14 -1.68
C PHE A 522 6.44 17.24 -2.36
N GLN A 523 5.46 16.86 -3.19
CA GLN A 523 4.49 17.84 -3.65
C GLN A 523 3.55 18.24 -2.53
N PHE A 524 3.06 17.25 -1.77
CA PHE A 524 2.23 17.55 -0.60
C PHE A 524 3.03 18.29 0.45
N HIS A 525 4.26 17.83 0.71
CA HIS A 525 5.07 18.44 1.77
C HIS A 525 5.41 19.89 1.46
N GLU A 526 5.79 20.17 0.21
CA GLU A 526 6.12 21.54 -0.15
C GLU A 526 4.90 22.45 -0.11
N ALA A 527 3.74 21.93 -0.54
CA ALA A 527 2.53 22.75 -0.51
C ALA A 527 2.06 23.00 0.92
N LEU A 528 2.13 21.97 1.77
CA LEU A 528 1.71 22.16 3.15
C LEU A 528 2.67 23.07 3.91
N CYS A 529 3.96 22.98 3.61
CA CYS A 529 4.93 23.87 4.24
C CYS A 529 4.73 25.31 3.80
N GLN A 530 4.31 25.52 2.54
CA GLN A 530 4.01 26.87 2.09
C GLN A 530 2.81 27.45 2.84
N THR A 531 1.76 26.65 3.03
CA THR A 531 0.60 27.12 3.79
C THR A 531 0.95 27.35 5.25
N ALA A 532 1.94 26.63 5.77
CA ALA A 532 2.40 26.83 7.13
C ALA A 532 3.31 28.03 7.27
N LYS A 533 3.57 28.76 6.18
CA LYS A 533 4.44 29.93 6.18
C LYS A 533 5.82 29.60 6.74
N HIS A 534 6.39 28.51 6.22
CA HIS A 534 7.72 28.08 6.64
C HIS A 534 8.76 28.87 5.87
N GLU A 535 9.64 29.56 6.61
CA GLU A 535 10.71 30.33 6.03
C GLU A 535 12.02 29.58 6.24
N GLY A 536 12.69 29.25 5.15
CA GLY A 536 13.92 28.51 5.21
C GLY A 536 13.90 27.31 4.29
N PRO A 537 14.86 26.40 4.47
CA PRO A 537 14.92 25.19 3.64
C PRO A 537 13.73 24.28 3.90
N LEU A 538 13.41 23.47 2.90
CA LEU A 538 12.26 22.58 2.96
C LEU A 538 12.47 21.41 3.91
N TYR A 539 13.72 21.03 4.16
CA TYR A 539 13.97 19.87 5.02
C TYR A 539 13.93 20.22 6.50
N LYS A 540 13.74 21.49 6.86
CA LYS A 540 13.59 21.91 8.24
C LYS A 540 12.18 22.38 8.54
N CYS A 541 11.20 21.94 7.75
CA CYS A 541 9.83 22.41 7.87
C CYS A 541 9.03 21.52 8.81
N ASP A 542 8.33 22.15 9.75
CA ASP A 542 7.39 21.48 10.64
C ASP A 542 6.04 22.14 10.47
N ILE A 543 5.03 21.36 10.07
CA ILE A 543 3.70 21.89 9.81
C ILE A 543 2.88 21.84 11.09
N SER A 544 3.52 21.45 12.20
CA SER A 544 2.81 21.36 13.47
C SER A 544 2.33 22.72 13.91
N ASN A 545 1.19 22.73 14.61
CA ASN A 545 0.54 23.91 15.15
C ASN A 545 0.02 24.86 14.08
N SER A 546 0.03 24.45 12.81
CA SER A 546 -0.50 25.24 11.72
C SER A 546 -1.82 24.60 11.27
N THR A 547 -2.93 25.14 11.74
CA THR A 547 -4.23 24.57 11.40
C THR A 547 -4.57 24.76 9.94
N GLU A 548 -4.01 25.79 9.30
CA GLU A 548 -4.30 26.03 7.90
C GLU A 548 -3.73 24.93 7.00
N ALA A 549 -2.56 24.39 7.38
CA ALA A 549 -2.00 23.27 6.64
C ALA A 549 -2.89 22.04 6.75
N GLY A 550 -3.46 21.80 7.93
CA GLY A 550 -4.39 20.68 8.08
C GLY A 550 -5.67 20.88 7.30
N GLN A 551 -6.17 22.12 7.23
CA GLN A 551 -7.37 22.39 6.46
C GLN A 551 -7.14 22.18 4.97
N ARG A 552 -5.97 22.59 4.47
CA ARG A 552 -5.64 22.33 3.08
C ARG A 552 -5.46 20.84 2.82
N LEU A 553 -4.88 20.13 3.79
CA LEU A 553 -4.71 18.69 3.66
C LEU A 553 -6.07 17.98 3.64
N LEU A 554 -7.00 18.43 4.49
CA LEU A 554 -8.31 17.78 4.57
C LEU A 554 -9.11 17.92 3.30
N GLN A 555 -8.82 18.93 2.47
CA GLN A 555 -9.51 19.06 1.19
C GLN A 555 -9.24 17.86 0.29
N MET A 556 -8.00 17.41 0.25
CA MET A 556 -7.68 16.21 -0.53
C MET A 556 -8.12 14.94 0.19
N LEU A 557 -7.97 14.89 1.52
CA LEU A 557 -8.18 13.66 2.25
C LEU A 557 -9.64 13.21 2.19
N HIS A 558 -10.58 14.13 2.36
CA HIS A 558 -11.99 13.75 2.45
C HIS A 558 -12.56 13.33 1.10
N LEU A 559 -11.88 13.66 0.00
CA LEU A 559 -12.40 13.28 -1.32
C LEU A 559 -12.43 11.77 -1.51
N GLY A 560 -11.39 11.08 -1.08
CA GLY A 560 -11.31 9.65 -1.35
C GLY A 560 -11.18 9.40 -2.85
N LYS A 561 -11.91 8.40 -3.32
CA LYS A 561 -11.97 8.09 -4.74
C LYS A 561 -13.10 8.81 -5.46
N SER A 562 -13.80 9.70 -4.78
CA SER A 562 -14.95 10.36 -5.39
C SER A 562 -14.55 11.24 -6.57
N GLU A 563 -13.38 11.85 -6.51
CA GLU A 563 -12.92 12.71 -7.59
C GLU A 563 -11.70 12.11 -8.27
N PRO A 564 -11.44 12.46 -9.53
CA PRO A 564 -10.21 12.02 -10.18
C PRO A 564 -8.98 12.52 -9.42
N TRP A 565 -7.94 11.69 -9.41
CA TRP A 565 -6.76 12.01 -8.62
C TRP A 565 -6.11 13.32 -9.08
N THR A 566 -6.30 13.68 -10.35
CA THR A 566 -5.79 14.97 -10.83
C THR A 566 -6.49 16.12 -10.12
N LEU A 567 -7.80 16.02 -9.91
CA LEU A 567 -8.53 17.03 -9.16
C LEU A 567 -8.14 17.00 -7.68
N ALA A 568 -8.00 15.80 -7.11
CA ALA A 568 -7.59 15.69 -5.72
C ALA A 568 -6.19 16.27 -5.51
N LEU A 569 -5.29 16.01 -6.46
CA LEU A 569 -3.95 16.59 -6.39
C LEU A 569 -4.01 18.11 -6.48
N GLU A 570 -4.90 18.64 -7.31
CA GLU A 570 -5.01 20.09 -7.47
C GLU A 570 -5.50 20.76 -6.20
N ASN A 571 -6.28 20.06 -5.39
CA ASN A 571 -6.84 20.66 -4.18
C ASN A 571 -5.75 21.01 -3.18
N ILE A 572 -4.74 20.16 -3.05
CA ILE A 572 -3.72 20.33 -2.01
C ILE A 572 -2.46 20.96 -2.59
N VAL A 573 -2.17 20.69 -3.86
CA VAL A 573 -0.92 21.12 -4.46
C VAL A 573 -1.14 22.35 -5.33
N GLY A 574 -2.31 22.44 -5.95
CA GLY A 574 -2.61 23.54 -6.84
C GLY A 574 -2.39 23.24 -8.32
N VAL A 575 -1.73 22.13 -8.64
CA VAL A 575 -1.56 21.70 -10.02
C VAL A 575 -2.05 20.26 -10.13
N LYS A 576 -2.53 19.90 -11.33
CA LYS A 576 -3.06 18.58 -11.59
C LYS A 576 -2.08 17.68 -12.33
N THR A 577 -0.79 18.00 -12.26
CA THR A 577 0.24 17.21 -12.92
C THR A 577 1.32 16.83 -11.91
N MET A 578 1.94 15.69 -12.13
CA MET A 578 3.08 15.29 -11.31
C MET A 578 4.24 16.24 -11.56
N ASP A 579 4.83 16.72 -10.47
CA ASP A 579 5.94 17.68 -10.54
C ASP A 579 7.05 17.21 -9.61
N VAL A 580 8.28 17.18 -10.12
CA VAL A 580 9.42 16.71 -9.34
C VAL A 580 10.27 17.85 -8.81
N LYS A 581 10.02 19.09 -9.23
CA LYS A 581 10.74 20.22 -8.66
C LYS A 581 10.61 20.33 -7.14
N PRO A 582 9.45 20.07 -6.53
CA PRO A 582 9.42 20.01 -5.06
C PRO A 582 10.36 18.96 -4.48
N LEU A 583 10.52 17.82 -5.16
CA LEU A 583 11.49 16.81 -4.72
C LEU A 583 12.91 17.34 -4.83
N LEU A 584 13.23 18.03 -5.93
CA LEU A 584 14.55 18.60 -6.09
C LEU A 584 14.80 19.76 -5.14
N ASN A 585 13.75 20.40 -4.64
CA ASN A 585 13.92 21.47 -3.66
C ASN A 585 14.27 20.92 -2.29
N TYR A 586 13.79 19.72 -1.96
CA TYR A 586 14.10 19.11 -0.68
C TYR A 586 15.60 18.82 -0.56
N PHE A 587 16.21 18.33 -1.64
CA PHE A 587 17.62 17.97 -1.66
C PHE A 587 18.47 19.05 -2.30
N GLU A 588 17.97 20.28 -2.39
CA GLU A 588 18.80 21.38 -2.88
C GLU A 588 20.02 21.63 -2.01
N PRO A 589 19.92 21.68 -0.67
CA PRO A 589 21.16 21.81 0.12
C PRO A 589 22.12 20.66 -0.06
N LEU A 590 21.62 19.45 -0.31
CA LEU A 590 22.51 18.32 -0.53
C LEU A 590 23.16 18.38 -1.91
N LEU A 591 22.43 18.85 -2.92
CA LEU A 591 23.02 18.98 -4.25
C LEU A 591 24.17 19.98 -4.24
N THR A 592 24.02 21.07 -3.48
CA THR A 592 25.11 22.03 -3.35
C THR A 592 26.33 21.38 -2.70
N TRP A 593 26.11 20.58 -1.66
CA TRP A 593 27.23 19.94 -0.98
C TRP A 593 27.83 18.81 -1.81
N LEU A 594 27.00 18.08 -2.55
CA LEU A 594 27.50 17.01 -3.40
C LEU A 594 28.38 17.56 -4.52
N LYS A 595 28.00 18.71 -5.08
CA LYS A 595 28.81 19.31 -6.15
C LYS A 595 30.17 19.72 -5.64
N GLU A 596 30.24 20.24 -4.41
CA GLU A 596 31.53 20.63 -3.85
C GLU A 596 32.43 19.43 -3.60
N GLN A 597 31.85 18.28 -3.24
CA GLN A 597 32.64 17.08 -3.00
C GLN A 597 33.11 16.41 -4.27
N ASN A 598 32.29 16.46 -5.33
CA ASN A 598 32.59 15.79 -6.59
C ASN A 598 33.38 16.67 -7.55
N ARG A 599 34.10 17.67 -7.05
CA ARG A 599 34.91 18.51 -7.92
C ARG A 599 36.04 17.71 -8.56
N ASN A 600 36.71 16.86 -7.78
CA ASN A 600 37.84 16.08 -8.25
C ASN A 600 37.47 14.63 -8.55
N SER A 601 36.19 14.29 -8.52
CA SER A 601 35.75 12.94 -8.79
C SER A 601 34.94 12.88 -10.08
N PRO A 602 34.92 11.74 -10.76
CA PRO A 602 34.14 11.64 -12.01
C PRO A 602 32.65 11.60 -11.71
N VAL A 603 31.89 12.41 -12.44
CA VAL A 603 30.44 12.47 -12.31
C VAL A 603 29.85 11.86 -13.57
N GLY A 604 29.23 10.69 -13.43
CA GLY A 604 28.75 9.92 -14.55
C GLY A 604 29.39 8.54 -14.57
N TRP A 605 28.77 7.67 -15.35
CA TRP A 605 29.23 6.28 -15.44
C TRP A 605 29.35 5.86 -16.90
N SER A 606 30.22 4.88 -17.13
CA SER A 606 30.47 4.32 -18.45
C SER A 606 30.04 2.87 -18.45
N THR A 607 29.19 2.50 -19.40
CA THR A 607 28.65 1.15 -19.46
C THR A 607 29.67 0.12 -19.93
N ASP A 608 30.84 0.56 -20.41
CA ASP A 608 31.82 -0.38 -20.93
C ASP A 608 32.42 -1.25 -19.82
N TRP A 609 32.79 -0.64 -18.70
CA TRP A 609 33.49 -1.38 -17.66
C TRP A 609 32.57 -2.35 -16.93
N THR A 610 33.10 -3.52 -16.61
CA THR A 610 32.41 -4.54 -15.85
C THR A 610 33.39 -5.14 -14.83
N PRO A 611 32.88 -5.64 -13.70
CA PRO A 611 33.78 -6.24 -12.71
C PRO A 611 34.57 -7.42 -13.23
N TYR A 612 34.09 -8.07 -14.29
CA TYR A 612 34.75 -9.21 -14.89
C TYR A 612 35.41 -8.89 -16.23
N SER A 613 35.33 -7.64 -16.69
CA SER A 613 35.81 -7.31 -18.02
C SER A 613 37.33 -7.37 -18.11
N ASP A 614 38.02 -6.99 -17.03
CA ASP A 614 39.48 -6.93 -17.06
C ASP A 614 40.09 -8.30 -17.31
N GLN A 615 39.57 -9.33 -16.66
CA GLN A 615 40.06 -10.68 -16.82
C GLN A 615 39.31 -11.47 -17.89
N SER A 616 38.37 -10.83 -18.58
CA SER A 616 37.61 -11.51 -19.63
C SER A 616 38.46 -11.64 -20.88
N ILE A 617 38.34 -12.80 -21.54
CA ILE A 617 39.09 -13.10 -22.76
C ILE A 617 38.10 -13.15 -23.91
N LYS A 618 38.34 -12.32 -24.92
CA LYS A 618 37.49 -12.32 -26.10
C LYS A 618 37.81 -13.53 -26.98
N VAL A 619 36.78 -14.03 -27.66
CA VAL A 619 36.89 -15.18 -28.55
C VAL A 619 36.38 -14.76 -29.92
N ARG A 620 37.18 -15.01 -30.94
CA ARG A 620 36.84 -14.67 -32.32
C ARG A 620 36.50 -15.94 -33.08
N ILE A 621 35.29 -16.01 -33.61
CA ILE A 621 34.82 -17.19 -34.34
C ILE A 621 35.01 -16.94 -35.83
N SER A 622 35.76 -17.83 -36.48
CA SER A 622 35.97 -17.76 -37.92
C SER A 622 34.96 -18.70 -38.59
N LEU A 623 34.03 -18.12 -39.35
CA LEU A 623 32.97 -18.90 -40.00
C LEU A 623 33.52 -19.54 -41.26
N LYS A 624 34.05 -20.75 -41.10
CA LYS A 624 34.63 -21.49 -42.22
C LYS A 624 33.60 -22.20 -43.07
N SER A 625 32.36 -22.31 -42.62
CA SER A 625 31.33 -23.00 -43.37
C SER A 625 30.72 -22.08 -44.42
N ALA A 626 30.02 -22.69 -45.38
CA ALA A 626 29.40 -21.94 -46.46
C ALA A 626 28.29 -21.05 -45.93
N LEU A 627 28.24 -19.82 -46.44
CA LEU A 627 27.25 -18.86 -45.98
C LEU A 627 25.86 -19.19 -46.52
N GLY A 628 24.85 -19.06 -45.68
CA GLY A 628 23.48 -19.25 -46.11
C GLY A 628 23.07 -20.68 -46.38
N GLU A 629 23.65 -21.63 -45.66
CA GLU A 629 23.35 -23.05 -45.83
C GLU A 629 22.43 -23.53 -44.72
N LYS A 630 21.35 -24.22 -45.09
CA LYS A 630 20.43 -24.77 -44.10
C LYS A 630 21.03 -25.97 -43.38
N ALA A 631 22.09 -26.57 -43.91
CA ALA A 631 22.68 -27.75 -43.29
C ALA A 631 23.25 -27.44 -41.91
N TYR A 632 23.88 -26.27 -41.76
CA TYR A 632 24.58 -25.90 -40.53
C TYR A 632 23.88 -24.71 -39.91
N GLU A 633 23.23 -24.93 -38.77
CA GLU A 633 22.59 -23.87 -37.98
C GLU A 633 23.43 -23.68 -36.73
N TRP A 634 24.49 -22.87 -36.85
CA TRP A 634 25.43 -22.64 -35.75
C TRP A 634 25.06 -21.36 -35.00
N ASN A 635 23.86 -21.37 -34.39
CA ASN A 635 23.33 -20.19 -33.72
C ASN A 635 23.47 -20.26 -32.20
N ASP A 636 22.87 -21.26 -31.57
CA ASP A 636 22.84 -21.33 -30.11
C ASP A 636 23.12 -22.71 -29.54
N ASN A 637 22.97 -23.78 -30.33
CA ASN A 637 23.09 -25.14 -29.80
C ASN A 637 24.54 -25.57 -29.62
N GLU A 638 25.50 -24.89 -30.23
CA GLU A 638 26.90 -25.29 -30.17
C GLU A 638 27.74 -24.46 -29.21
N MET A 639 27.21 -23.34 -28.71
CA MET A 639 27.98 -22.48 -27.83
C MET A 639 28.27 -23.11 -26.48
N TYR A 640 27.43 -24.05 -26.03
CA TYR A 640 27.63 -24.63 -24.70
C TYR A 640 28.79 -25.60 -24.67
N LEU A 641 29.17 -26.16 -25.82
CA LEU A 641 30.28 -27.10 -25.86
C LEU A 641 31.59 -26.45 -25.42
N PHE A 642 31.85 -25.23 -25.91
CA PHE A 642 33.09 -24.54 -25.55
C PHE A 642 33.13 -24.25 -24.05
N GLN A 643 31.99 -23.87 -23.47
CA GLN A 643 31.95 -23.58 -22.04
C GLN A 643 32.27 -24.82 -21.22
N SER A 644 31.75 -25.97 -21.62
CA SER A 644 32.06 -27.22 -20.95
C SER A 644 33.39 -27.83 -21.38
N SER A 645 33.99 -27.33 -22.47
CA SER A 645 35.30 -27.80 -22.91
C SER A 645 36.44 -27.00 -22.28
N VAL A 646 36.28 -25.69 -22.16
CA VAL A 646 37.32 -24.86 -21.55
C VAL A 646 37.55 -25.26 -20.10
N ALA A 647 36.51 -25.78 -19.43
CA ALA A 647 36.67 -26.25 -18.07
C ALA A 647 37.65 -27.41 -17.99
N TYR A 648 37.59 -28.32 -18.96
CA TYR A 648 38.49 -29.48 -18.97
C TYR A 648 39.95 -29.03 -19.10
N ALA A 649 40.21 -28.05 -19.95
CA ALA A 649 41.58 -27.57 -20.13
C ALA A 649 42.14 -26.97 -18.84
N MET A 650 41.33 -26.17 -18.13
CA MET A 650 41.77 -25.62 -16.86
C MET A 650 41.82 -26.69 -15.79
N ARG A 651 40.85 -27.61 -15.79
CA ARG A 651 40.83 -28.67 -14.78
C ARG A 651 42.09 -29.54 -14.88
N GLU A 652 42.48 -29.92 -16.10
CA GLU A 652 43.72 -30.67 -16.27
C GLU A 652 44.94 -29.82 -15.93
N TYR A 653 44.88 -28.52 -16.24
CA TYR A 653 46.02 -27.65 -15.99
C TYR A 653 46.31 -27.55 -14.49
N PHE A 654 45.27 -27.39 -13.67
CA PHE A 654 45.47 -27.26 -12.23
C PHE A 654 46.05 -28.53 -11.63
N SER A 655 45.54 -29.70 -12.06
CA SER A 655 46.04 -30.95 -11.51
C SER A 655 47.50 -31.18 -11.91
N LYS A 656 47.85 -30.89 -13.16
CA LYS A 656 49.21 -31.13 -13.63
C LYS A 656 50.19 -30.11 -13.06
N VAL A 657 49.83 -28.83 -13.07
CA VAL A 657 50.75 -27.78 -12.67
C VAL A 657 50.59 -27.43 -11.20
N ARG A 658 49.39 -27.00 -10.82
CA ARG A 658 49.16 -26.58 -9.44
C ARG A 658 49.13 -27.75 -8.47
N ASN A 659 49.12 -28.99 -8.97
CA ASN A 659 49.13 -30.20 -8.14
C ASN A 659 47.93 -30.28 -7.20
N GLU A 660 46.84 -29.60 -7.56
CA GLU A 660 45.59 -29.64 -6.81
C GLU A 660 44.45 -29.96 -7.75
N THR A 661 43.53 -30.81 -7.29
CA THR A 661 42.40 -31.25 -8.10
C THR A 661 41.16 -30.42 -7.75
N ILE A 662 40.57 -29.80 -8.77
CA ILE A 662 39.39 -28.97 -8.58
C ILE A 662 38.35 -29.36 -9.63
N PRO A 663 37.12 -29.70 -9.24
CA PRO A 663 36.13 -30.14 -10.23
C PRO A 663 35.61 -28.99 -11.10
N PHE A 664 36.41 -28.55 -12.06
CA PHE A 664 35.96 -27.53 -12.99
C PHE A 664 34.85 -28.06 -13.87
N GLY A 665 33.83 -27.23 -14.08
CA GLY A 665 32.68 -27.60 -14.88
C GLY A 665 32.22 -26.46 -15.76
N GLU A 666 31.13 -26.71 -16.48
CA GLU A 666 30.57 -25.69 -17.36
C GLU A 666 30.05 -24.50 -16.58
N LYS A 667 29.62 -24.71 -15.33
CA LYS A 667 29.19 -23.60 -14.49
C LYS A 667 30.33 -22.62 -14.21
N ASP A 668 31.55 -23.13 -14.06
CA ASP A 668 32.68 -22.28 -13.70
C ASP A 668 33.07 -21.34 -14.84
N VAL A 669 32.76 -21.69 -16.08
CA VAL A 669 33.07 -20.84 -17.22
C VAL A 669 31.88 -19.92 -17.49
N TRP A 670 32.14 -18.62 -17.52
CA TRP A 670 31.11 -17.62 -17.72
C TRP A 670 31.29 -16.96 -19.08
N VAL A 671 30.19 -16.76 -19.79
CA VAL A 671 30.19 -16.16 -21.13
C VAL A 671 29.47 -14.83 -21.06
N SER A 672 30.04 -13.81 -21.69
CA SER A 672 29.47 -12.47 -21.68
C SER A 672 29.56 -11.88 -23.08
N ASP A 673 28.70 -10.90 -23.33
CA ASP A 673 28.66 -10.16 -24.61
C ASP A 673 28.59 -11.13 -25.79
N LEU A 674 27.71 -12.13 -25.66
CA LEU A 674 27.61 -13.17 -26.68
C LEU A 674 26.96 -12.61 -27.93
N LYS A 675 27.72 -12.50 -29.02
CA LYS A 675 27.17 -12.20 -30.32
C LYS A 675 27.16 -13.48 -31.13
N PRO A 676 25.99 -14.08 -31.39
CA PRO A 676 25.98 -15.39 -32.06
C PRO A 676 26.65 -15.33 -33.43
N ARG A 677 27.39 -16.38 -33.75
CA ARG A 677 28.13 -16.58 -35.00
C ARG A 677 29.30 -15.61 -35.16
N ILE A 678 29.53 -14.70 -34.22
CA ILE A 678 30.57 -13.69 -34.40
C ILE A 678 31.63 -13.78 -33.31
N SER A 679 31.25 -13.54 -32.06
CA SER A 679 32.21 -13.47 -30.98
C SER A 679 31.48 -13.56 -29.64
N PHE A 680 32.26 -13.79 -28.58
CA PHE A 680 31.76 -13.81 -27.21
C PHE A 680 32.94 -13.75 -26.27
N ASN A 681 32.77 -13.04 -25.16
CA ASN A 681 33.79 -12.89 -24.13
C ASN A 681 33.53 -13.89 -23.01
N PHE A 682 34.61 -14.47 -22.48
CA PHE A 682 34.48 -15.52 -21.49
C PHE A 682 35.55 -15.39 -20.41
N PHE A 683 35.26 -15.97 -19.25
CA PHE A 683 36.22 -16.11 -18.17
C PHE A 683 35.79 -17.28 -17.30
N VAL A 684 36.73 -17.77 -16.49
CA VAL A 684 36.51 -18.95 -15.66
C VAL A 684 36.76 -18.58 -14.20
N THR A 685 35.94 -19.12 -13.30
CA THR A 685 36.03 -18.87 -11.87
C THR A 685 36.15 -20.19 -11.12
N THR A 686 36.80 -20.15 -9.96
CA THR A 686 36.88 -21.33 -9.12
C THR A 686 35.50 -21.68 -8.58
N PRO A 687 35.17 -22.97 -8.47
CA PRO A 687 33.85 -23.36 -7.97
C PRO A 687 33.61 -22.84 -6.56
N LYS A 688 32.37 -22.40 -6.32
CA LYS A 688 31.92 -21.84 -5.05
C LYS A 688 32.71 -20.60 -4.63
N ASN A 689 33.53 -20.06 -5.54
CA ASN A 689 34.33 -18.86 -5.28
C ASN A 689 34.27 -17.94 -6.49
N VAL A 690 33.05 -17.68 -6.96
CA VAL A 690 32.86 -16.83 -8.13
C VAL A 690 33.37 -15.42 -7.90
N SER A 691 33.57 -15.02 -6.64
CA SER A 691 34.09 -13.69 -6.35
C SER A 691 35.50 -13.52 -6.90
N ASP A 692 36.35 -14.53 -6.72
CA ASP A 692 37.71 -14.51 -7.23
C ASP A 692 37.76 -15.24 -8.57
N ILE A 693 38.08 -14.51 -9.63
CA ILE A 693 38.13 -15.06 -10.98
C ILE A 693 39.58 -15.32 -11.35
N ILE A 694 39.83 -16.45 -12.00
CA ILE A 694 41.19 -16.84 -12.35
C ILE A 694 41.78 -15.81 -13.31
N PRO A 695 43.03 -15.37 -13.13
CA PRO A 695 43.61 -14.40 -14.05
C PRO A 695 43.68 -14.95 -15.47
N ARG A 696 43.51 -14.05 -16.43
CA ARG A 696 43.49 -14.47 -17.83
C ARG A 696 44.85 -15.02 -18.27
N THR A 697 45.94 -14.57 -17.65
CA THR A 697 47.26 -15.07 -18.02
C THR A 697 47.37 -16.57 -17.79
N GLU A 698 46.86 -17.06 -16.65
CA GLU A 698 46.85 -18.50 -16.42
C GLU A 698 45.94 -19.21 -17.40
N VAL A 699 44.80 -18.60 -17.73
CA VAL A 699 43.91 -19.18 -18.74
C VAL A 699 44.58 -19.18 -20.10
N GLU A 700 45.22 -18.06 -20.47
CA GLU A 700 45.95 -18.00 -21.73
C GLU A 700 47.15 -18.95 -21.72
N GLU A 701 47.72 -19.22 -20.54
CA GLU A 701 48.78 -20.21 -20.45
C GLU A 701 48.28 -21.59 -20.84
N ALA A 702 47.07 -21.94 -20.41
CA ALA A 702 46.45 -23.18 -20.86
C ALA A 702 46.11 -23.12 -22.34
N ILE A 703 45.64 -21.96 -22.82
CA ILE A 703 45.34 -21.81 -24.24
C ILE A 703 46.62 -21.90 -25.07
N ARG A 704 47.70 -21.26 -24.60
CA ARG A 704 48.97 -21.31 -25.32
C ARG A 704 49.51 -22.73 -25.37
N MET A 705 49.13 -23.58 -24.42
CA MET A 705 49.54 -24.98 -24.47
C MET A 705 49.00 -25.66 -25.73
N SER A 706 47.76 -25.36 -26.09
CA SER A 706 47.16 -25.85 -27.33
C SER A 706 47.45 -24.84 -28.45
N ARG A 707 46.78 -25.00 -29.58
CA ARG A 707 46.96 -24.09 -30.70
C ARG A 707 46.51 -22.68 -30.33
N GLY A 708 47.20 -21.68 -30.86
CA GLY A 708 46.84 -20.30 -30.62
C GLY A 708 45.83 -19.77 -31.61
N ARG A 709 44.55 -19.77 -31.23
CA ARG A 709 43.48 -19.34 -32.11
C ARG A 709 43.35 -17.83 -32.14
N ILE A 710 43.57 -17.16 -31.01
CA ILE A 710 43.38 -15.72 -30.88
C ILE A 710 44.72 -15.07 -30.55
N ASN A 711 45.02 -13.98 -31.24
CA ASN A 711 46.25 -13.23 -31.01
C ASN A 711 45.96 -11.77 -30.70
N ASN B 1 -51.92 5.89 39.66
CA ASN B 1 -50.70 5.11 39.78
C ASN B 1 -49.52 5.82 39.12
N LEU B 2 -48.34 5.24 39.28
CA LEU B 2 -47.14 5.80 38.67
C LEU B 2 -47.04 5.34 37.23
N CYS B 3 -46.76 6.26 36.32
CA CYS B 3 -46.58 5.92 34.91
C CYS B 3 -45.37 5.01 34.78
N PRO B 4 -45.51 3.81 34.22
CA PRO B 4 -44.41 2.83 34.19
C PRO B 4 -43.35 3.16 33.15
N PHE B 5 -42.60 4.25 33.39
CA PHE B 5 -41.48 4.56 32.52
C PHE B 5 -40.38 3.54 32.63
N GLY B 6 -40.27 2.85 33.77
CA GLY B 6 -39.31 1.77 33.90
C GLY B 6 -39.66 0.55 33.07
N GLU B 7 -40.92 0.42 32.67
CA GLU B 7 -41.35 -0.67 31.80
C GLU B 7 -41.15 -0.34 30.32
N VAL B 8 -40.68 0.86 30.01
CA VAL B 8 -40.42 1.28 28.63
C VAL B 8 -38.93 1.38 28.36
N PHE B 9 -38.21 2.14 29.17
CA PHE B 9 -36.78 2.35 28.94
C PHE B 9 -35.96 1.16 29.37
N ASN B 10 -36.39 0.44 30.40
CA ASN B 10 -35.66 -0.72 30.91
C ASN B 10 -36.20 -2.04 30.38
N ALA B 11 -37.09 -1.98 29.38
CA ALA B 11 -37.61 -3.21 28.78
C ALA B 11 -36.50 -3.99 28.10
N THR B 12 -36.55 -5.30 28.22
CA THR B 12 -35.54 -6.16 27.61
C THR B 12 -35.80 -6.44 26.14
N LYS B 13 -36.93 -5.99 25.61
CA LYS B 13 -37.30 -6.24 24.22
C LYS B 13 -37.59 -4.91 23.55
N PHE B 14 -36.68 -4.47 22.68
CA PHE B 14 -36.88 -3.28 21.87
C PHE B 14 -37.08 -3.70 20.43
N PRO B 15 -38.20 -3.34 19.80
CA PRO B 15 -38.46 -3.80 18.43
C PRO B 15 -37.58 -3.09 17.42
N SER B 16 -37.61 -3.61 16.19
CA SER B 16 -36.86 -3.01 15.11
C SER B 16 -37.47 -1.67 14.72
N VAL B 17 -36.67 -0.85 14.03
CA VAL B 17 -37.09 0.51 13.73
C VAL B 17 -38.27 0.52 12.76
N TYR B 18 -38.27 -0.40 11.78
CA TYR B 18 -39.38 -0.47 10.85
C TYR B 18 -40.64 -0.99 11.52
N ALA B 19 -40.49 -1.87 12.50
CA ALA B 19 -41.60 -2.45 13.25
C ALA B 19 -41.72 -1.84 14.63
N TRP B 20 -41.51 -0.53 14.74
CA TRP B 20 -41.53 0.15 16.03
C TRP B 20 -42.87 -0.02 16.71
N GLU B 21 -42.84 -0.19 18.03
CA GLU B 21 -44.03 -0.42 18.83
C GLU B 21 -44.32 0.80 19.69
N ARG B 22 -45.61 1.11 19.87
CA ARG B 22 -46.06 2.25 20.63
C ARG B 22 -46.87 1.78 21.82
N LYS B 23 -46.60 2.36 22.99
CA LYS B 23 -47.34 2.09 24.21
C LYS B 23 -48.05 3.36 24.67
N LYS B 24 -49.31 3.21 25.06
CA LYS B 24 -50.12 4.35 25.49
C LYS B 24 -49.97 4.54 26.99
N ILE B 25 -49.67 5.77 27.40
CA ILE B 25 -49.49 6.12 28.80
C ILE B 25 -50.55 7.16 29.16
N SER B 26 -51.42 6.82 30.10
CA SER B 26 -52.50 7.70 30.49
C SER B 26 -53.03 7.26 31.86
N ASN B 27 -53.83 8.14 32.47
CA ASN B 27 -54.45 7.88 33.77
C ASN B 27 -53.40 7.55 34.84
N CYS B 28 -52.27 8.25 34.78
CA CYS B 28 -51.21 8.07 35.77
C CYS B 28 -50.54 9.41 35.98
N VAL B 29 -50.03 9.60 37.20
CA VAL B 29 -49.32 10.84 37.52
C VAL B 29 -47.98 10.84 36.78
N ALA B 30 -47.74 11.88 35.99
CA ALA B 30 -46.57 11.94 35.12
C ALA B 30 -45.38 12.43 35.91
N ASP B 31 -44.43 11.54 36.17
CA ASP B 31 -43.19 11.87 36.89
C ASP B 31 -42.02 11.62 35.96
N TYR B 32 -41.46 12.69 35.40
CA TYR B 32 -40.35 12.61 34.46
C TYR B 32 -39.01 12.85 35.12
N SER B 33 -38.94 12.81 36.46
CA SER B 33 -37.73 13.18 37.17
C SER B 33 -36.55 12.28 36.80
N VAL B 34 -36.82 11.01 36.51
CA VAL B 34 -35.73 10.07 36.20
C VAL B 34 -35.07 10.39 34.85
N LEU B 35 -35.73 11.15 33.99
CA LEU B 35 -35.22 11.35 32.63
C LEU B 35 -34.13 12.43 32.58
N TYR B 36 -34.50 13.68 32.88
CA TYR B 36 -33.56 14.78 32.67
C TYR B 36 -32.43 14.77 33.69
N ASN B 37 -32.73 14.41 34.94
CA ASN B 37 -31.70 14.41 35.97
C ASN B 37 -30.63 13.35 35.68
N SER B 38 -31.04 12.18 35.21
CA SER B 38 -30.09 11.13 34.92
C SER B 38 -29.36 11.40 33.61
N THR B 39 -28.07 11.06 33.58
CA THR B 39 -27.23 11.23 32.40
C THR B 39 -27.20 9.97 31.54
N PHE B 40 -28.16 9.06 31.73
CA PHE B 40 -28.17 7.80 30.99
C PHE B 40 -28.35 8.04 29.49
N PHE B 41 -29.19 9.01 29.14
CA PHE B 41 -29.57 9.23 27.76
C PHE B 41 -28.54 10.09 27.04
N SER B 42 -28.16 9.68 25.82
CA SER B 42 -27.23 10.44 25.01
C SER B 42 -27.89 11.57 24.23
N THR B 43 -29.22 11.56 24.12
CA THR B 43 -29.96 12.64 23.47
C THR B 43 -31.23 12.90 24.26
N PHE B 44 -31.54 14.18 24.47
CA PHE B 44 -32.78 14.60 25.11
C PHE B 44 -33.36 15.78 24.33
N LYS B 45 -33.45 15.62 23.02
CA LYS B 45 -33.92 16.69 22.14
C LYS B 45 -35.43 16.79 22.23
N CYS B 46 -35.92 17.75 23.00
CA CYS B 46 -37.35 18.01 23.08
C CYS B 46 -37.77 19.00 21.99
N TYR B 47 -38.97 18.81 21.47
CA TYR B 47 -39.49 19.62 20.38
C TYR B 47 -40.84 20.19 20.77
N GLY B 48 -41.01 21.50 20.56
CA GLY B 48 -42.25 22.16 20.88
C GLY B 48 -42.51 22.37 22.36
N VAL B 49 -41.58 21.95 23.23
CA VAL B 49 -41.74 22.06 24.67
C VAL B 49 -40.34 22.15 25.27
N SER B 50 -40.27 22.48 26.56
CA SER B 50 -39.02 22.53 27.31
C SER B 50 -39.00 21.40 28.32
N ALA B 51 -37.82 20.79 28.48
CA ALA B 51 -37.69 19.68 29.42
C ALA B 51 -37.98 20.12 30.85
N THR B 52 -37.57 21.33 31.21
CA THR B 52 -37.81 21.83 32.56
C THR B 52 -39.29 22.12 32.79
N LYS B 53 -40.03 22.49 31.75
CA LYS B 53 -41.44 22.80 31.90
C LYS B 53 -42.35 21.57 31.81
N LEU B 54 -41.78 20.38 31.63
CA LEU B 54 -42.60 19.18 31.58
C LEU B 54 -43.32 18.94 32.91
N ASN B 55 -42.64 19.21 34.02
CA ASN B 55 -43.25 19.01 35.34
C ASN B 55 -44.44 19.94 35.55
N ASP B 56 -44.31 21.20 35.11
CA ASP B 56 -45.37 22.18 35.32
C ASP B 56 -46.64 21.79 34.59
N LEU B 57 -46.51 21.36 33.34
CA LEU B 57 -47.66 20.96 32.55
C LEU B 57 -48.14 19.57 32.98
N CYS B 58 -49.41 19.30 32.71
CA CYS B 58 -50.02 18.02 33.06
C CYS B 58 -51.25 17.83 32.17
N PHE B 59 -52.04 16.80 32.49
CA PHE B 59 -53.28 16.48 31.76
C PHE B 59 -53.01 16.27 30.27
N SER B 60 -52.27 15.21 29.98
CA SER B 60 -51.94 14.87 28.61
C SER B 60 -51.82 13.35 28.48
N ASN B 61 -51.87 12.87 27.25
CA ASN B 61 -51.67 11.47 26.93
C ASN B 61 -50.29 11.29 26.32
N VAL B 62 -49.58 10.26 26.76
CA VAL B 62 -48.19 10.02 26.38
C VAL B 62 -48.12 8.73 25.57
N TYR B 63 -47.46 8.80 24.43
CA TYR B 63 -47.18 7.64 23.60
C TYR B 63 -45.67 7.43 23.55
N ALA B 64 -45.24 6.21 23.85
CA ALA B 64 -43.81 5.87 23.88
C ALA B 64 -43.52 4.94 22.71
N ASP B 65 -42.78 5.45 21.72
CA ASP B 65 -42.42 4.70 20.53
C ASP B 65 -40.98 4.21 20.71
N SER B 66 -40.82 2.91 20.85
CA SER B 66 -39.53 2.30 21.17
C SER B 66 -38.99 1.55 19.95
N PHE B 67 -37.72 1.76 19.65
CA PHE B 67 -37.04 1.05 18.57
C PHE B 67 -35.55 1.21 18.74
N VAL B 68 -34.80 0.46 17.95
CA VAL B 68 -33.33 0.49 17.96
C VAL B 68 -32.85 0.90 16.58
N VAL B 69 -31.98 1.89 16.54
CA VAL B 69 -31.35 2.35 15.31
C VAL B 69 -29.85 2.37 15.49
N LYS B 70 -29.14 2.65 14.40
CA LYS B 70 -27.70 2.79 14.43
C LYS B 70 -27.32 4.10 15.13
N GLY B 71 -26.04 4.23 15.46
CA GLY B 71 -25.57 5.44 16.09
C GLY B 71 -25.73 6.66 15.22
N ASP B 72 -25.44 6.53 13.92
CA ASP B 72 -25.56 7.63 12.99
C ASP B 72 -26.99 7.88 12.54
N ASP B 73 -27.92 6.99 12.85
CA ASP B 73 -29.32 7.16 12.44
C ASP B 73 -30.16 7.90 13.46
N VAL B 74 -29.61 8.23 14.63
CA VAL B 74 -30.35 9.02 15.61
C VAL B 74 -30.55 10.44 15.11
N ARG B 75 -29.72 10.91 14.18
CA ARG B 75 -29.89 12.24 13.61
C ARG B 75 -31.20 12.36 12.85
N GLN B 76 -31.71 11.25 12.33
CA GLN B 76 -32.90 11.25 11.49
C GLN B 76 -34.19 11.08 12.28
N ILE B 77 -34.11 11.13 13.61
CA ILE B 77 -35.28 11.00 14.46
C ILE B 77 -35.65 12.38 14.98
N ALA B 78 -35.30 13.39 14.20
CA ALA B 78 -35.70 14.77 14.41
C ALA B 78 -36.75 15.17 13.37
N PRO B 79 -37.74 15.97 13.74
CA PRO B 79 -38.75 16.38 12.77
C PRO B 79 -38.13 17.21 11.64
N GLY B 80 -38.50 16.87 10.42
CA GLY B 80 -37.95 17.53 9.25
C GLY B 80 -36.68 16.95 8.69
N GLN B 81 -36.32 15.75 9.12
CA GLN B 81 -35.08 15.11 8.68
C GLN B 81 -35.36 14.15 7.52
N THR B 82 -34.30 13.82 6.78
CA THR B 82 -34.38 12.94 5.63
C THR B 82 -33.37 11.82 5.77
N GLY B 83 -33.76 10.63 5.35
CA GLY B 83 -32.88 9.47 5.39
C GLY B 83 -33.70 8.20 5.28
N VAL B 84 -32.99 7.08 5.29
CA VAL B 84 -33.66 5.79 5.18
C VAL B 84 -34.49 5.48 6.41
N ILE B 85 -34.19 6.12 7.53
CA ILE B 85 -34.97 5.91 8.76
C ILE B 85 -36.16 6.85 8.82
N ALA B 86 -35.97 8.11 8.44
CA ALA B 86 -37.08 9.06 8.43
C ALA B 86 -38.06 8.75 7.31
N ASP B 87 -37.55 8.48 6.11
CA ASP B 87 -38.44 8.31 4.95
C ASP B 87 -39.17 6.98 5.00
N TYR B 88 -38.47 5.89 5.35
CA TYR B 88 -39.01 4.55 5.16
C TYR B 88 -39.26 3.79 6.45
N ASN B 89 -38.76 4.26 7.59
CA ASN B 89 -38.91 3.53 8.85
C ASN B 89 -39.74 4.30 9.87
N TYR B 90 -39.35 5.53 10.21
CA TYR B 90 -40.01 6.26 11.28
C TYR B 90 -39.93 7.75 10.99
N LYS B 91 -41.08 8.38 10.76
CA LYS B 91 -41.15 9.79 10.40
C LYS B 91 -41.85 10.58 11.50
N LEU B 92 -41.27 11.72 11.86
CA LEU B 92 -41.85 12.62 12.83
C LEU B 92 -42.44 13.83 12.13
N PRO B 93 -43.66 14.24 12.48
CA PRO B 93 -44.24 15.41 11.84
C PRO B 93 -43.49 16.68 12.20
N ASP B 94 -43.56 17.67 11.30
CA ASP B 94 -42.86 18.93 11.53
C ASP B 94 -43.39 19.65 12.76
N ASP B 95 -44.66 19.46 13.09
CA ASP B 95 -45.26 20.02 14.30
C ASP B 95 -45.19 19.06 15.49
N PHE B 96 -44.17 18.21 15.54
CA PHE B 96 -44.06 17.24 16.62
C PHE B 96 -43.87 17.92 17.96
N MET B 97 -44.60 17.45 18.97
CA MET B 97 -44.52 17.95 20.33
C MET B 97 -44.12 16.80 21.24
N GLY B 98 -42.88 16.81 21.70
CA GLY B 98 -42.41 15.75 22.57
C GLY B 98 -40.90 15.80 22.70
N CYS B 99 -40.35 14.72 23.23
CA CYS B 99 -38.92 14.59 23.44
C CYS B 99 -38.44 13.25 22.88
N VAL B 100 -37.24 13.25 22.32
CA VAL B 100 -36.62 12.05 21.76
C VAL B 100 -35.48 11.63 22.68
N LEU B 101 -35.53 10.40 23.18
CA LEU B 101 -34.58 9.89 24.14
C LEU B 101 -33.86 8.69 23.54
N ALA B 102 -32.53 8.79 23.43
CA ALA B 102 -31.71 7.70 22.91
C ALA B 102 -30.51 7.51 23.81
N TRP B 103 -30.07 6.26 23.93
CA TRP B 103 -28.90 5.94 24.73
C TRP B 103 -28.18 4.76 24.10
N ASN B 104 -26.86 4.76 24.18
CA ASN B 104 -26.06 3.69 23.59
C ASN B 104 -26.28 2.39 24.35
N THR B 105 -26.52 1.31 23.60
CA THR B 105 -26.71 -0.02 24.15
C THR B 105 -25.77 -1.01 23.46
N ARG B 106 -24.51 -0.62 23.32
CA ARG B 106 -23.51 -1.53 22.77
C ARG B 106 -23.33 -2.75 23.66
N ASN B 107 -23.45 -2.58 24.98
CA ASN B 107 -23.35 -3.71 25.88
C ASN B 107 -24.50 -4.69 25.69
N ILE B 108 -25.70 -4.18 25.40
CA ILE B 108 -26.89 -5.01 25.31
C ILE B 108 -27.05 -5.56 23.89
N ASP B 109 -27.18 -4.67 22.91
CA ASP B 109 -27.62 -5.04 21.57
C ASP B 109 -26.48 -5.34 20.61
N ALA B 110 -25.23 -5.34 21.06
CA ALA B 110 -24.09 -5.62 20.20
C ALA B 110 -23.31 -6.79 20.75
N THR B 111 -22.90 -7.69 19.86
CA THR B 111 -22.17 -8.89 20.24
C THR B 111 -20.88 -8.98 19.44
N SER B 112 -19.93 -9.76 19.96
CA SER B 112 -18.64 -9.90 19.30
C SER B 112 -18.78 -10.50 17.91
N THR B 113 -19.73 -11.42 17.73
CA THR B 113 -19.94 -12.07 16.44
C THR B 113 -20.92 -11.33 15.54
N GLY B 114 -21.58 -10.30 16.05
CA GLY B 114 -22.53 -9.56 15.25
C GLY B 114 -23.97 -9.86 15.58
N ASN B 115 -24.72 -8.84 15.99
CA ASN B 115 -26.12 -8.96 16.34
C ASN B 115 -26.97 -8.48 15.16
N TYR B 116 -27.64 -9.41 14.49
CA TYR B 116 -28.43 -9.10 13.30
C TYR B 116 -29.93 -9.17 13.57
N ASN B 117 -30.35 -9.01 14.81
CA ASN B 117 -31.76 -9.10 15.15
C ASN B 117 -32.53 -7.82 14.85
N TYR B 118 -31.85 -6.74 14.47
CA TYR B 118 -32.50 -5.46 14.20
C TYR B 118 -32.38 -5.14 12.71
N LYS B 119 -33.50 -4.75 12.11
CA LYS B 119 -33.57 -4.51 10.67
C LYS B 119 -34.18 -3.14 10.41
N TYR B 120 -33.87 -2.59 9.25
CA TYR B 120 -34.48 -1.33 8.81
C TYR B 120 -34.87 -1.47 7.35
N ARG B 121 -35.84 -0.65 6.95
CA ARG B 121 -36.31 -0.63 5.57
C ARG B 121 -35.57 0.45 4.81
N TYR B 122 -34.91 0.08 3.71
CA TYR B 122 -34.20 1.03 2.87
C TYR B 122 -34.78 1.17 1.48
N LEU B 123 -35.70 0.28 1.09
CA LEU B 123 -36.37 0.35 -0.20
C LEU B 123 -37.87 0.46 0.03
N ARG B 124 -38.48 1.47 -0.58
CA ARG B 124 -39.92 1.65 -0.49
C ARG B 124 -40.39 2.52 -1.64
N HIS B 125 -41.67 2.38 -1.98
CA HIS B 125 -42.31 3.22 -2.98
C HIS B 125 -42.98 4.38 -2.25
N GLY B 126 -42.29 5.51 -2.18
CA GLY B 126 -42.79 6.67 -1.47
C GLY B 126 -42.35 6.68 -0.02
N LYS B 127 -42.42 7.87 0.58
CA LYS B 127 -42.03 8.07 1.96
C LYS B 127 -43.20 7.80 2.89
N LEU B 128 -42.87 7.43 4.13
CA LEU B 128 -43.90 7.22 5.14
C LEU B 128 -44.51 8.55 5.57
N ARG B 129 -45.80 8.52 5.86
CA ARG B 129 -46.45 9.63 6.51
C ARG B 129 -46.01 9.70 7.97
N PRO B 130 -46.16 10.84 8.62
CA PRO B 130 -45.81 10.93 10.05
C PRO B 130 -46.58 9.91 10.87
N PHE B 131 -45.87 9.22 11.75
CA PHE B 131 -46.44 8.21 12.63
C PHE B 131 -47.17 7.12 11.85
N GLU B 132 -46.61 6.74 10.70
CA GLU B 132 -47.14 5.66 9.88
C GLU B 132 -46.16 4.50 9.88
N ARG B 133 -46.69 3.28 9.88
CA ARG B 133 -45.90 2.07 10.06
C ARG B 133 -46.09 1.15 8.85
N ASP B 134 -44.97 0.70 8.29
CA ASP B 134 -44.98 -0.24 7.17
C ASP B 134 -44.16 -1.47 7.58
N ILE B 135 -44.85 -2.61 7.72
CA ILE B 135 -44.21 -3.84 8.16
C ILE B 135 -44.31 -4.94 7.11
N SER B 136 -44.54 -4.57 5.86
CA SER B 136 -44.71 -5.53 4.78
C SER B 136 -43.35 -5.88 4.19
N ASN B 137 -42.96 -7.14 4.29
CA ASN B 137 -41.69 -7.61 3.73
C ASN B 137 -41.93 -8.26 2.38
N VAL B 138 -42.30 -7.41 1.41
CA VAL B 138 -42.56 -7.87 0.04
C VAL B 138 -41.41 -7.42 -0.85
N PRO B 139 -41.06 -8.19 -1.88
CA PRO B 139 -39.94 -7.80 -2.74
C PRO B 139 -40.18 -6.46 -3.42
N PHE B 140 -39.10 -5.72 -3.61
CA PHE B 140 -39.14 -4.35 -4.12
C PHE B 140 -38.51 -4.30 -5.50
N SER B 141 -39.19 -3.62 -6.43
CA SER B 141 -38.70 -3.39 -7.78
C SER B 141 -38.78 -1.90 -8.09
N PRO B 142 -37.73 -1.31 -8.67
CA PRO B 142 -37.74 0.14 -8.89
C PRO B 142 -38.88 0.61 -9.77
N ASP B 143 -39.27 -0.17 -10.78
CA ASP B 143 -40.41 0.20 -11.60
C ASP B 143 -41.72 0.00 -10.86
N GLY B 144 -41.79 -1.05 -10.04
CA GLY B 144 -42.99 -1.37 -9.27
C GLY B 144 -43.64 -2.67 -9.65
N LYS B 145 -43.21 -3.31 -10.73
CA LYS B 145 -43.79 -4.59 -11.12
C LYS B 145 -43.32 -5.68 -10.17
N PRO B 146 -44.21 -6.46 -9.58
CA PRO B 146 -43.78 -7.49 -8.62
C PRO B 146 -42.91 -8.54 -9.29
N CYS B 147 -41.93 -9.04 -8.53
CA CYS B 147 -41.04 -10.08 -9.01
C CYS B 147 -40.54 -10.90 -7.83
N THR B 148 -39.96 -12.05 -8.15
CA THR B 148 -39.50 -12.99 -7.14
C THR B 148 -37.97 -13.02 -7.11
N PRO B 149 -37.34 -12.56 -6.03
CA PRO B 149 -35.89 -12.66 -5.91
C PRO B 149 -35.48 -14.09 -5.60
N PRO B 150 -34.23 -14.47 -5.89
CA PRO B 150 -33.18 -13.64 -6.49
C PRO B 150 -33.38 -13.44 -7.99
N ALA B 151 -33.10 -12.23 -8.45
CA ALA B 151 -33.26 -11.82 -9.84
C ALA B 151 -32.51 -10.49 -10.00
N LEU B 152 -32.69 -9.85 -11.14
CA LEU B 152 -32.13 -8.54 -11.40
C LEU B 152 -33.18 -7.48 -11.11
N ASN B 153 -32.78 -6.42 -10.41
CA ASN B 153 -33.64 -5.30 -10.05
C ASN B 153 -34.77 -5.70 -9.10
N CYS B 154 -34.63 -6.81 -8.38
CA CYS B 154 -35.62 -7.27 -7.42
C CYS B 154 -34.91 -7.55 -6.11
N TYR B 155 -35.23 -6.76 -5.08
CA TYR B 155 -34.53 -6.81 -3.81
C TYR B 155 -35.53 -6.85 -2.66
N TRP B 156 -35.10 -7.43 -1.54
CA TRP B 156 -35.87 -7.36 -0.32
C TRP B 156 -35.72 -5.99 0.32
N PRO B 157 -36.80 -5.41 0.84
CA PRO B 157 -36.73 -4.03 1.36
C PRO B 157 -36.08 -3.91 2.72
N LEU B 158 -35.95 -5.01 3.47
CA LEU B 158 -35.44 -4.98 4.83
C LEU B 158 -34.04 -5.58 4.85
N ASN B 159 -33.10 -4.85 5.45
CA ASN B 159 -31.74 -5.34 5.64
C ASN B 159 -31.35 -5.19 7.10
N ASP B 160 -30.64 -6.19 7.61
CA ASP B 160 -30.35 -6.27 9.03
C ASP B 160 -29.24 -5.31 9.44
N TYR B 161 -29.37 -4.77 10.65
CA TYR B 161 -28.29 -4.01 11.26
C TYR B 161 -27.21 -4.96 11.75
N GLY B 162 -25.97 -4.72 11.34
CA GLY B 162 -24.87 -5.52 11.84
C GLY B 162 -24.20 -4.88 13.03
N PHE B 163 -24.59 -5.29 14.24
CA PHE B 163 -24.15 -4.63 15.47
C PHE B 163 -23.02 -5.43 16.11
N TYR B 164 -21.87 -4.81 16.24
CA TYR B 164 -20.71 -5.39 16.90
C TYR B 164 -20.27 -4.48 18.04
N THR B 165 -19.50 -5.04 18.98
CA THR B 165 -18.99 -4.24 20.08
C THR B 165 -17.72 -3.49 19.73
N THR B 166 -17.16 -3.70 18.54
CA THR B 166 -15.91 -3.08 18.14
C THR B 166 -16.08 -1.93 17.16
N THR B 167 -17.30 -1.71 16.67
CA THR B 167 -17.53 -0.64 15.70
C THR B 167 -17.51 0.72 16.40
N GLY B 168 -17.41 1.77 15.60
CA GLY B 168 -17.45 3.11 16.12
C GLY B 168 -18.82 3.49 16.63
N ILE B 169 -18.86 4.59 17.38
CA ILE B 169 -20.11 5.00 18.03
C ILE B 169 -21.20 5.28 17.01
N GLY B 170 -20.82 5.66 15.78
CA GLY B 170 -21.82 5.88 14.76
C GLY B 170 -22.45 4.61 14.24
N TYR B 171 -21.81 3.47 14.45
CA TYR B 171 -22.33 2.18 14.01
C TYR B 171 -22.72 1.27 15.17
N GLN B 172 -22.81 1.81 16.37
CA GLN B 172 -23.20 1.05 17.54
C GLN B 172 -24.69 1.18 17.80
N PRO B 173 -25.32 0.15 18.37
CA PRO B 173 -26.77 0.21 18.58
C PRO B 173 -27.16 1.29 19.58
N TYR B 174 -28.29 1.94 19.31
CA TYR B 174 -28.87 2.92 20.20
C TYR B 174 -30.35 2.60 20.35
N ARG B 175 -30.84 2.61 21.58
CA ARG B 175 -32.27 2.44 21.83
C ARG B 175 -32.91 3.81 21.91
N VAL B 176 -33.95 4.04 21.11
CA VAL B 176 -34.60 5.33 21.00
C VAL B 176 -36.04 5.19 21.47
N VAL B 177 -36.43 5.99 22.45
CA VAL B 177 -37.81 6.10 22.90
C VAL B 177 -38.30 7.50 22.55
N VAL B 178 -39.30 7.57 21.68
CA VAL B 178 -39.88 8.83 21.25
C VAL B 178 -41.16 9.05 22.04
N LEU B 179 -41.22 10.15 22.78
CA LEU B 179 -42.37 10.47 23.61
C LEU B 179 -43.23 11.52 22.91
N SER B 180 -44.51 11.22 22.77
CA SER B 180 -45.46 12.12 22.14
C SER B 180 -46.46 12.59 23.19
N PHE B 181 -46.70 13.89 23.24
CA PHE B 181 -47.53 14.51 24.27
C PHE B 181 -48.78 15.07 23.62
N GLU B 182 -49.93 14.74 24.19
CA GLU B 182 -51.18 15.33 23.74
C GLU B 182 -51.21 16.80 24.15
N GLY B 183 -51.26 17.69 23.16
CA GLY B 183 -51.18 19.10 23.44
C GLY B 183 -52.43 19.64 24.09
N SER B 184 -52.31 20.87 24.60
CA SER B 184 -53.46 21.55 25.18
C SER B 184 -54.53 21.85 24.15
N LEU B 185 -54.19 21.87 22.87
CA LEU B 185 -55.16 22.08 21.80
C LEU B 185 -55.70 20.72 21.35
N GLU B 186 -56.44 20.08 22.26
CA GLU B 186 -57.04 18.78 21.96
C GLU B 186 -58.40 18.95 21.31
ZN ZN C . 2.31 2.97 5.41
#